data_2N8H
#
_entry.id   2N8H
#
_entity_poly.entity_id   1
_entity_poly.type   'polypeptide(L)'
_entity_poly.pdbx_seq_one_letter_code
;GWCGD(HYP)GATCGKLRLYCCSGFCDSYTKTCKDKSSA
;
_entity_poly.pdbx_strand_id   A
#
# COMPACT_ATOMS: atom_id res chain seq x y z
N GLY A 1 -11.94 6.35 -10.18
CA GLY A 1 -10.72 5.58 -9.83
C GLY A 1 -10.02 6.14 -8.61
N TRP A 2 -10.23 5.50 -7.45
CA TRP A 2 -9.62 5.92 -6.19
C TRP A 2 -8.36 5.12 -5.90
N CYS A 3 -7.46 5.70 -5.08
CA CYS A 3 -6.21 5.05 -4.70
C CYS A 3 -6.06 5.01 -3.18
N GLY A 4 -5.29 4.03 -2.69
CA GLY A 4 -5.05 3.89 -1.26
C GLY A 4 -3.90 4.73 -0.76
N ASP A 5 -4.14 5.49 0.31
CA ASP A 5 -3.14 6.38 0.91
C ASP A 5 -2.32 5.64 1.99
N HYP A 6 -1.05 6.06 2.27
CA HYP A 6 -0.19 5.42 3.30
C HYP A 6 -0.86 5.34 4.67
O HYP A 6 -1.41 6.33 5.17
CB HYP A 6 1.05 6.31 3.36
CG HYP A 6 0.70 7.57 2.61
CD HYP A 6 -0.34 7.18 1.61
OD1 HYP A 6 1.82 8.07 1.88
HA HYP A 6 0.09 4.42 2.99
HB2 HYP A 6 1.30 6.53 4.40
HB3 HYP A 6 1.89 5.82 2.87
HG HYP A 6 0.33 8.32 3.31
HD22 HYP A 6 0.13 6.86 0.70
HD23 HYP A 6 -1.00 8.02 1.43
HD1 HYP A 6 2.42 8.51 2.48
N GLY A 7 -0.80 4.15 5.29
CA GLY A 7 -1.41 3.93 6.59
C GLY A 7 -2.59 2.98 6.54
N ALA A 8 -2.93 2.53 5.32
CA ALA A 8 -4.05 1.59 5.11
C ALA A 8 -3.56 0.15 5.05
N THR A 9 -4.44 -0.79 5.42
CA THR A 9 -4.12 -2.23 5.43
C THR A 9 -4.21 -2.84 4.02
N CYS A 10 -3.10 -3.42 3.56
CA CYS A 10 -3.03 -4.04 2.23
C CYS A 10 -2.92 -5.56 2.36
N GLY A 11 -3.73 -6.28 1.57
CA GLY A 11 -3.73 -7.73 1.58
C GLY A 11 -5.12 -8.31 1.47
N LYS A 12 -5.91 -8.17 2.54
CA LYS A 12 -7.28 -8.70 2.57
C LYS A 12 -8.32 -7.62 2.24
N LEU A 13 -7.88 -6.35 2.28
CA LEU A 13 -8.76 -5.21 1.99
C LEU A 13 -8.66 -4.81 0.50
N ARG A 14 -9.63 -4.00 0.04
CA ARG A 14 -9.69 -3.53 -1.34
C ARG A 14 -8.70 -2.36 -1.58
N LEU A 15 -8.74 -1.80 -2.82
CA LEU A 15 -7.86 -0.67 -3.23
C LEU A 15 -6.40 -1.10 -3.37
N TYR A 16 -5.71 -0.51 -4.34
CA TYR A 16 -4.30 -0.80 -4.61
C TYR A 16 -3.41 0.37 -4.21
N CYS A 17 -2.08 0.13 -4.19
CA CYS A 17 -1.09 1.15 -3.82
C CYS A 17 -0.76 2.06 -4.99
N CYS A 18 -0.64 3.37 -4.71
CA CYS A 18 -0.33 4.39 -5.72
C CYS A 18 1.08 4.20 -6.31
N SER A 19 2.01 3.74 -5.47
CA SER A 19 3.40 3.50 -5.89
C SER A 19 3.60 2.05 -6.33
N GLY A 20 2.79 1.14 -5.76
CA GLY A 20 2.87 -0.27 -6.10
C GLY A 20 3.73 -1.07 -5.13
N PHE A 21 3.63 -0.75 -3.83
CA PHE A 21 4.39 -1.44 -2.80
C PHE A 21 3.55 -1.65 -1.53
N CYS A 22 3.29 -2.93 -1.23
CA CYS A 22 2.52 -3.30 -0.03
C CYS A 22 3.42 -4.09 0.92
N ASP A 23 3.59 -3.57 2.14
CA ASP A 23 4.42 -4.22 3.16
C ASP A 23 3.67 -5.36 3.85
N SER A 24 4.24 -6.55 3.78
CA SER A 24 3.65 -7.76 4.37
C SER A 24 4.08 -7.96 5.84
N TYR A 25 5.02 -7.12 6.30
CA TYR A 25 5.52 -7.18 7.69
C TYR A 25 4.51 -6.56 8.66
N THR A 26 3.62 -5.72 8.12
CA THR A 26 2.59 -5.05 8.91
C THR A 26 1.24 -5.04 8.18
N LYS A 27 1.22 -5.61 6.95
CA LYS A 27 0.01 -5.68 6.09
C LYS A 27 -0.56 -4.29 5.81
N THR A 28 0.31 -3.39 5.32
CA THR A 28 -0.09 -2.02 5.01
C THR A 28 0.58 -1.51 3.73
N CYS A 29 0.03 -0.44 3.17
CA CYS A 29 0.55 0.17 1.94
C CYS A 29 1.67 1.16 2.25
N LYS A 30 2.82 0.97 1.60
CA LYS A 30 3.99 1.84 1.81
C LYS A 30 4.62 2.26 0.49
N ASP A 31 5.36 3.36 0.52
CA ASP A 31 6.04 3.89 -0.67
C ASP A 31 7.43 3.28 -0.81
N LYS A 32 7.84 3.02 -2.06
CA LYS A 32 9.15 2.44 -2.35
C LYS A 32 10.19 3.52 -2.64
N SER A 33 11.44 3.25 -2.24
CA SER A 33 12.54 4.18 -2.44
C SER A 33 13.37 3.80 -3.65
N SER A 34 13.87 4.81 -4.38
CA SER A 34 14.69 4.60 -5.57
C SER A 34 16.17 4.78 -5.26
N ALA A 35 16.99 3.86 -5.77
CA ALA A 35 18.44 3.90 -5.56
C ALA A 35 19.16 4.48 -6.77
N GLY A 1 -12.76 4.21 -9.17
CA GLY A 1 -11.30 3.95 -9.11
C GLY A 1 -10.60 4.85 -8.10
N TRP A 2 -10.47 4.34 -6.86
CA TRP A 2 -9.82 5.09 -5.79
C TRP A 2 -8.35 4.68 -5.64
N CYS A 3 -7.55 5.57 -5.07
CA CYS A 3 -6.12 5.32 -4.85
C CYS A 3 -5.85 5.08 -3.37
N GLY A 4 -4.87 4.22 -3.08
CA GLY A 4 -4.51 3.89 -1.71
C GLY A 4 -3.42 4.79 -1.15
N ASP A 5 -3.75 5.51 -0.08
CA ASP A 5 -2.82 6.42 0.59
C ASP A 5 -2.04 5.71 1.70
N HYP A 6 -0.81 6.17 2.06
CA HYP A 6 0.02 5.55 3.13
C HYP A 6 -0.71 5.47 4.48
O HYP A 6 -1.25 6.47 4.97
CB HYP A 6 1.25 6.47 3.25
CG HYP A 6 0.90 7.72 2.49
CD HYP A 6 -0.10 7.33 1.45
OD1 HYP A 6 2.03 8.26 1.81
HA HYP A 6 0.34 4.57 2.84
HB2 HYP A 6 1.46 6.68 4.29
HB3 HYP A 6 2.11 5.99 2.79
HG HYP A 6 0.48 8.47 3.19
HD22 HYP A 6 0.41 7.04 0.54
HD23 HYP A 6 -0.77 8.15 1.25
HD1 HYP A 6 2.71 8.45 2.45
N GLY A 7 -0.70 4.26 5.06
CA GLY A 7 -1.36 4.04 6.35
C GLY A 7 -2.57 3.12 6.22
N ALA A 8 -2.76 2.54 5.04
CA ALA A 8 -3.88 1.63 4.78
C ALA A 8 -3.44 0.17 4.86
N THR A 9 -4.40 -0.71 5.20
CA THR A 9 -4.13 -2.15 5.32
C THR A 9 -4.23 -2.85 3.96
N CYS A 10 -3.14 -3.51 3.56
CA CYS A 10 -3.08 -4.22 2.28
C CYS A 10 -3.13 -5.73 2.49
N GLY A 11 -4.04 -6.40 1.78
CA GLY A 11 -4.18 -7.85 1.88
C GLY A 11 -5.62 -8.30 1.83
N LYS A 12 -6.46 -7.72 2.70
CA LYS A 12 -7.88 -8.07 2.76
C LYS A 12 -8.75 -7.09 1.98
N LEU A 13 -8.22 -5.90 1.70
CA LEU A 13 -8.95 -4.86 0.95
C LEU A 13 -8.66 -4.95 -0.55
N ARG A 14 -9.59 -4.43 -1.35
CA ARG A 14 -9.47 -4.44 -2.81
C ARG A 14 -8.74 -3.19 -3.33
N LEU A 15 -8.40 -2.28 -2.41
CA LEU A 15 -7.70 -1.04 -2.75
C LEU A 15 -6.18 -1.25 -2.68
N TYR A 16 -5.49 -0.84 -3.76
CA TYR A 16 -4.04 -0.98 -3.85
C TYR A 16 -3.34 0.32 -3.43
N CYS A 17 -1.99 0.25 -3.30
CA CYS A 17 -1.17 1.39 -2.90
C CYS A 17 -0.92 2.35 -4.08
N CYS A 18 -0.98 3.65 -3.80
CA CYS A 18 -0.76 4.71 -4.81
C CYS A 18 0.62 4.59 -5.48
N SER A 19 1.60 4.06 -4.75
CA SER A 19 2.96 3.88 -5.25
C SER A 19 3.15 2.50 -5.88
N GLY A 20 2.37 1.51 -5.38
CA GLY A 20 2.44 0.15 -5.89
C GLY A 20 3.33 -0.76 -5.06
N PHE A 21 3.31 -0.56 -3.73
CA PHE A 21 4.11 -1.37 -2.81
C PHE A 21 3.33 -1.68 -1.51
N CYS A 22 3.17 -2.98 -1.24
CA CYS A 22 2.48 -3.44 -0.05
C CYS A 22 3.46 -4.16 0.88
N ASP A 23 3.55 -3.69 2.12
CA ASP A 23 4.44 -4.29 3.13
C ASP A 23 3.73 -5.42 3.87
N SER A 24 4.31 -6.62 3.78
CA SER A 24 3.75 -7.83 4.42
C SER A 24 4.20 -7.97 5.88
N TYR A 25 5.13 -7.10 6.31
CA TYR A 25 5.65 -7.12 7.70
C TYR A 25 4.61 -6.56 8.68
N THR A 26 3.71 -5.71 8.17
CA THR A 26 2.66 -5.10 8.97
C THR A 26 1.33 -5.04 8.20
N LYS A 27 1.34 -5.55 6.95
CA LYS A 27 0.16 -5.58 6.05
C LYS A 27 -0.38 -4.16 5.81
N THR A 28 0.51 -3.28 5.36
CA THR A 28 0.16 -1.87 5.09
C THR A 28 0.77 -1.37 3.80
N CYS A 29 0.21 -0.25 3.30
CA CYS A 29 0.68 0.38 2.07
C CYS A 29 1.88 1.30 2.32
N LYS A 30 2.96 1.07 1.59
CA LYS A 30 4.19 1.87 1.72
C LYS A 30 4.76 2.23 0.36
N ASP A 31 5.61 3.27 0.33
CA ASP A 31 6.24 3.73 -0.90
C ASP A 31 7.56 3.00 -1.15
N LYS A 32 7.85 2.70 -2.42
CA LYS A 32 9.08 2.00 -2.81
C LYS A 32 10.19 2.98 -3.13
N SER A 33 11.42 2.66 -2.68
CA SER A 33 12.59 3.50 -2.92
C SER A 33 13.42 2.96 -4.08
N SER A 34 13.97 3.87 -4.88
CA SER A 34 14.80 3.52 -6.02
C SER A 34 16.14 4.25 -5.98
N ALA A 35 17.19 3.57 -6.44
CA ALA A 35 18.54 4.14 -6.45
C ALA A 35 18.91 4.64 -7.86
N GLY A 1 -10.78 4.26 -10.91
CA GLY A 1 -11.42 4.24 -9.57
C GLY A 1 -10.63 5.03 -8.53
N TRP A 2 -10.78 4.63 -7.25
CA TRP A 2 -10.09 5.29 -6.15
C TRP A 2 -8.82 4.54 -5.78
N CYS A 3 -7.81 5.28 -5.31
CA CYS A 3 -6.53 4.70 -4.91
C CYS A 3 -6.36 4.76 -3.39
N GLY A 4 -5.51 3.88 -2.85
CA GLY A 4 -5.24 3.84 -1.42
C GLY A 4 -4.14 4.77 -0.98
N ASP A 5 -4.36 5.46 0.14
CA ASP A 5 -3.38 6.42 0.70
C ASP A 5 -2.43 5.72 1.68
N HYP A 6 -1.21 6.31 1.95
CA HYP A 6 -0.23 5.70 2.90
C HYP A 6 -0.80 5.48 4.30
O HYP A 6 -1.45 6.37 4.87
CB HYP A 6 0.93 6.72 2.95
CG HYP A 6 0.77 7.54 1.70
CD HYP A 6 -0.68 7.58 1.39
OD1 HYP A 6 1.42 6.92 0.59
HA HYP A 6 0.14 4.75 2.52
HB2 HYP A 6 0.84 7.32 3.83
HB3 HYP A 6 1.88 6.20 2.93
HG HYP A 6 1.19 8.54 1.87
HD22 HYP A 6 -0.83 7.62 0.31
HD23 HYP A 6 -1.14 8.43 1.86
HD1 HYP A 6 2.06 7.54 0.21
N GLY A 7 -0.55 4.28 4.84
CA GLY A 7 -1.04 3.94 6.18
C GLY A 7 -2.28 3.04 6.13
N ALA A 8 -2.58 2.52 4.93
CA ALA A 8 -3.73 1.63 4.73
C ALA A 8 -3.30 0.17 4.70
N THR A 9 -4.23 -0.72 5.07
CA THR A 9 -3.97 -2.17 5.10
C THR A 9 -4.05 -2.77 3.70
N CYS A 10 -3.04 -3.59 3.35
CA CYS A 10 -2.98 -4.24 2.04
C CYS A 10 -3.52 -5.66 2.12
N GLY A 11 -4.49 -5.98 1.26
CA GLY A 11 -5.09 -7.30 1.23
C GLY A 11 -5.83 -7.57 -0.07
N LYS A 12 -7.12 -7.94 0.06
CA LYS A 12 -7.96 -8.24 -1.10
C LYS A 12 -9.22 -7.36 -1.12
N LEU A 13 -9.80 -7.14 0.07
CA LEU A 13 -11.02 -6.32 0.21
C LEU A 13 -10.68 -4.84 0.45
N ARG A 14 -9.40 -4.57 0.75
CA ARG A 14 -8.93 -3.20 1.00
C ARG A 14 -8.39 -2.56 -0.29
N LEU A 15 -8.09 -1.25 -0.22
CA LEU A 15 -7.56 -0.50 -1.36
C LEU A 15 -6.08 -0.82 -1.63
N TYR A 16 -5.66 -0.63 -2.88
CA TYR A 16 -4.27 -0.89 -3.30
C TYR A 16 -3.38 0.35 -3.10
N CYS A 17 -2.06 0.13 -3.18
CA CYS A 17 -1.08 1.21 -3.00
C CYS A 17 -0.90 2.01 -4.30
N CYS A 18 -0.81 3.34 -4.16
CA CYS A 18 -0.63 4.24 -5.31
C CYS A 18 0.80 4.17 -5.88
N SER A 19 1.72 3.60 -5.10
CA SER A 19 3.12 3.45 -5.52
C SER A 19 3.38 2.04 -6.04
N GLY A 20 2.62 1.06 -5.53
CA GLY A 20 2.76 -0.33 -5.95
C GLY A 20 3.67 -1.14 -5.04
N PHE A 21 3.60 -0.87 -3.72
CA PHE A 21 4.42 -1.58 -2.74
C PHE A 21 3.63 -1.86 -1.46
N CYS A 22 3.49 -3.15 -1.14
CA CYS A 22 2.79 -3.60 0.07
C CYS A 22 3.76 -4.26 1.02
N ASP A 23 3.87 -3.71 2.24
CA ASP A 23 4.75 -4.25 3.27
C ASP A 23 4.05 -5.34 4.08
N SER A 24 4.63 -6.54 4.08
CA SER A 24 4.08 -7.70 4.80
C SER A 24 4.48 -7.73 6.28
N TYR A 25 5.37 -6.81 6.67
CA TYR A 25 5.84 -6.71 8.08
C TYR A 25 4.74 -6.12 8.97
N THR A 26 3.84 -5.34 8.36
CA THR A 26 2.72 -4.71 9.07
C THR A 26 1.44 -4.76 8.25
N LYS A 27 1.51 -5.36 7.04
CA LYS A 27 0.38 -5.50 6.10
C LYS A 27 -0.21 -4.12 5.73
N THR A 28 0.67 -3.21 5.29
CA THR A 28 0.27 -1.85 4.93
C THR A 28 1.00 -1.36 3.68
N CYS A 29 0.44 -0.29 3.08
CA CYS A 29 1.00 0.32 1.87
C CYS A 29 2.15 1.25 2.21
N LYS A 30 3.28 1.06 1.51
CA LYS A 30 4.48 1.88 1.73
C LYS A 30 5.12 2.28 0.39
N ASP A 31 5.93 3.34 0.43
CA ASP A 31 6.64 3.83 -0.76
C ASP A 31 7.99 3.15 -0.92
N LYS A 32 8.42 2.97 -2.17
CA LYS A 32 9.70 2.32 -2.49
C LYS A 32 10.83 3.34 -2.59
N SER A 33 10.54 4.48 -3.24
CA SER A 33 11.53 5.55 -3.41
C SER A 33 11.16 6.77 -2.57
N SER A 34 12.18 7.41 -2.01
CA SER A 34 11.99 8.60 -1.17
C SER A 34 12.87 9.76 -1.64
N ALA A 35 14.13 9.45 -1.98
CA ALA A 35 15.08 10.45 -2.45
C ALA A 35 15.21 10.43 -3.97
N GLY A 1 -10.07 4.41 -11.25
CA GLY A 1 -10.82 4.40 -9.96
C GLY A 1 -10.07 5.11 -8.85
N TRP A 2 -10.34 4.71 -7.61
CA TRP A 2 -9.70 5.30 -6.43
C TRP A 2 -8.49 4.47 -5.98
N CYS A 3 -7.54 5.14 -5.33
CA CYS A 3 -6.34 4.48 -4.82
C CYS A 3 -6.11 4.87 -3.36
N GLY A 4 -5.51 3.96 -2.58
CA GLY A 4 -5.24 4.21 -1.17
C GLY A 4 -4.02 5.06 -0.92
N ASP A 5 -4.05 5.83 0.17
CA ASP A 5 -2.96 6.72 0.55
C ASP A 5 -1.96 6.01 1.48
N HYP A 6 -0.66 6.46 1.54
CA HYP A 6 0.36 5.84 2.42
C HYP A 6 -0.06 5.75 3.88
O HYP A 6 -0.42 6.76 4.50
CB HYP A 6 1.59 6.76 2.28
CG HYP A 6 1.09 8.00 1.56
CD HYP A 6 -0.08 7.58 0.75
OD1 HYP A 6 2.06 8.51 0.66
HA HYP A 6 0.62 4.85 2.07
HB2 HYP A 6 1.98 7.01 3.25
HB3 HYP A 6 2.35 6.29 1.68
HG HYP A 6 0.81 8.75 2.31
HD22 HYP A 6 0.24 7.23 -0.22
HD23 HYP A 6 -0.78 8.39 0.66
HD1 HYP A 6 2.79 7.89 0.60
N GLY A 7 -0.02 4.53 4.42
CA GLY A 7 -0.43 4.29 5.80
C GLY A 7 -1.69 3.46 5.91
N ALA A 8 -2.10 2.86 4.78
CA ALA A 8 -3.31 2.02 4.72
C ALA A 8 -2.95 0.54 4.84
N THR A 9 -3.90 -0.26 5.34
CA THR A 9 -3.70 -1.70 5.51
C THR A 9 -3.84 -2.44 4.17
N CYS A 10 -2.77 -3.16 3.80
CA CYS A 10 -2.73 -3.91 2.55
C CYS A 10 -2.99 -5.39 2.77
N GLY A 11 -3.65 -6.02 1.81
CA GLY A 11 -3.98 -7.44 1.89
C GLY A 11 -5.07 -7.84 0.93
N LYS A 12 -6.18 -8.37 1.47
CA LYS A 12 -7.32 -8.79 0.66
C LYS A 12 -8.43 -7.72 0.67
N LEU A 13 -8.28 -6.73 -0.21
CA LEU A 13 -9.25 -5.64 -0.32
C LEU A 13 -9.51 -5.29 -1.79
N ARG A 14 -10.61 -4.54 -2.03
CA ARG A 14 -10.98 -4.11 -3.39
C ARG A 14 -10.24 -2.84 -3.81
N LEU A 15 -9.86 -2.02 -2.83
CA LEU A 15 -9.13 -0.78 -3.07
C LEU A 15 -7.62 -1.00 -2.89
N TYR A 16 -6.87 -0.68 -3.96
CA TYR A 16 -5.41 -0.83 -3.95
C TYR A 16 -4.73 0.50 -3.58
N CYS A 17 -3.52 0.40 -3.03
CA CYS A 17 -2.74 1.58 -2.61
C CYS A 17 -2.00 2.23 -3.78
N CYS A 18 -2.01 3.57 -3.80
CA CYS A 18 -1.36 4.37 -4.84
C CYS A 18 0.19 4.30 -4.78
N SER A 19 0.72 3.64 -3.75
CA SER A 19 2.17 3.49 -3.57
C SER A 19 2.74 2.30 -4.36
N GLY A 20 1.91 1.28 -4.56
CA GLY A 20 2.32 0.09 -5.31
C GLY A 20 2.99 -0.97 -4.45
N PHE A 21 3.86 -0.53 -3.54
CA PHE A 21 4.60 -1.44 -2.65
C PHE A 21 3.82 -1.70 -1.34
N CYS A 22 3.61 -2.98 -1.06
CA CYS A 22 2.90 -3.41 0.15
C CYS A 22 3.84 -4.17 1.09
N ASP A 23 3.89 -3.72 2.34
CA ASP A 23 4.74 -4.34 3.36
C ASP A 23 3.96 -5.40 4.14
N SER A 24 4.43 -6.65 4.06
CA SER A 24 3.79 -7.79 4.73
C SER A 24 4.29 -7.96 6.17
N TYR A 25 5.32 -7.19 6.56
CA TYR A 25 5.89 -7.23 7.90
C TYR A 25 5.00 -6.49 8.91
N THR A 26 4.14 -5.61 8.39
CA THR A 26 3.21 -4.83 9.21
C THR A 26 1.83 -4.74 8.55
N LYS A 27 1.67 -5.39 7.37
CA LYS A 27 0.41 -5.40 6.60
C LYS A 27 -0.06 -3.98 6.22
N THR A 28 0.91 -3.14 5.83
CA THR A 28 0.64 -1.76 5.47
C THR A 28 1.32 -1.39 4.14
N CYS A 29 0.79 -0.34 3.49
CA CYS A 29 1.31 0.13 2.22
C CYS A 29 2.46 1.13 2.43
N LYS A 30 3.59 0.85 1.79
CA LYS A 30 4.78 1.70 1.89
C LYS A 30 5.35 2.02 0.50
N ASP A 31 6.28 2.99 0.46
CA ASP A 31 6.93 3.40 -0.80
C ASP A 31 8.17 2.55 -1.07
N LYS A 32 8.44 2.31 -2.36
CA LYS A 32 9.60 1.50 -2.78
C LYS A 32 10.83 2.38 -3.03
N SER A 33 10.61 3.55 -3.64
CA SER A 33 11.69 4.49 -3.94
C SER A 33 11.84 5.55 -2.85
N SER A 34 13.07 5.70 -2.36
CA SER A 34 13.38 6.67 -1.31
C SER A 34 14.57 7.54 -1.71
N ALA A 35 14.55 8.80 -1.26
CA ALA A 35 15.63 9.75 -1.55
C ALA A 35 16.58 9.89 -0.36
N GLY A 1 -8.71 1.97 -9.55
CA GLY A 1 -9.54 3.20 -9.50
C GLY A 1 -9.07 4.18 -8.44
N TRP A 2 -9.45 3.90 -7.18
CA TRP A 2 -9.07 4.75 -6.05
C TRP A 2 -7.84 4.20 -5.35
N CYS A 3 -7.02 5.10 -4.82
CA CYS A 3 -5.79 4.73 -4.10
C CYS A 3 -5.85 5.20 -2.65
N GLY A 4 -5.20 4.42 -1.77
CA GLY A 4 -5.16 4.74 -0.36
C GLY A 4 -3.93 5.55 0.02
N ASP A 5 -4.05 6.29 1.13
CA ASP A 5 -2.95 7.13 1.63
C ASP A 5 -1.96 6.31 2.48
N HYP A 6 -0.68 6.78 2.66
CA HYP A 6 0.33 6.03 3.46
C HYP A 6 -0.15 5.74 4.90
O HYP A 6 -0.52 6.66 5.64
CB HYP A 6 1.55 6.96 3.49
CG HYP A 6 1.37 7.86 2.30
CD HYP A 6 -0.10 8.02 2.10
OD1 HYP A 6 1.90 7.28 1.12
HA HYP A 6 0.60 5.09 2.98
HB2 HYP A 6 1.56 7.53 4.41
HB3 HYP A 6 2.46 6.38 3.38
HG HYP A 6 1.87 8.83 2.50
HD22 HYP A 6 -0.31 8.12 1.04
HD23 HYP A 6 -0.45 8.90 2.64
HD1 HYP A 6 2.72 6.82 1.32
N GLY A 7 -0.14 4.45 5.25
CA GLY A 7 -0.58 4.03 6.57
C GLY A 7 -1.87 3.20 6.51
N ALA A 8 -2.25 2.78 5.30
CA ALA A 8 -3.45 1.99 5.07
C ALA A 8 -3.12 0.49 5.08
N THR A 9 -4.10 -0.34 5.45
CA THR A 9 -3.91 -1.80 5.51
C THR A 9 -4.00 -2.45 4.13
N CYS A 10 -2.96 -3.21 3.79
CA CYS A 10 -2.89 -3.90 2.49
C CYS A 10 -2.86 -5.42 2.70
N GLY A 11 -3.79 -6.11 2.03
CA GLY A 11 -3.87 -7.56 2.14
C GLY A 11 -5.06 -8.14 1.39
N LYS A 12 -6.24 -7.55 1.64
CA LYS A 12 -7.49 -7.99 0.99
C LYS A 12 -7.76 -7.18 -0.28
N LEU A 13 -8.56 -7.75 -1.18
CA LEU A 13 -8.90 -7.10 -2.45
C LEU A 13 -10.13 -6.20 -2.30
N ARG A 14 -9.88 -4.92 -2.03
CA ARG A 14 -10.93 -3.91 -1.86
C ARG A 14 -10.50 -2.56 -2.44
N LEU A 15 -9.26 -2.16 -2.11
CA LEU A 15 -8.69 -0.90 -2.60
C LEU A 15 -7.26 -1.13 -3.10
N TYR A 16 -6.92 -0.43 -4.18
CA TYR A 16 -5.58 -0.53 -4.77
C TYR A 16 -4.75 0.72 -4.44
N CYS A 17 -3.51 0.48 -4.00
CA CYS A 17 -2.59 1.57 -3.64
C CYS A 17 -1.80 2.06 -4.86
N CYS A 18 -1.66 3.39 -4.97
CA CYS A 18 -0.93 4.01 -6.08
C CYS A 18 0.60 3.88 -5.94
N SER A 19 1.05 3.28 -4.84
CA SER A 19 2.48 3.09 -4.58
C SER A 19 2.97 1.74 -5.13
N GLY A 20 2.06 0.75 -5.19
CA GLY A 20 2.40 -0.57 -5.71
C GLY A 20 3.07 -1.49 -4.69
N PHE A 21 3.86 -0.91 -3.78
CA PHE A 21 4.57 -1.67 -2.76
C PHE A 21 3.77 -1.81 -1.47
N CYS A 22 3.48 -3.05 -1.10
CA CYS A 22 2.75 -3.37 0.13
C CYS A 22 3.65 -4.12 1.10
N ASP A 23 3.79 -3.58 2.31
CA ASP A 23 4.62 -4.19 3.36
C ASP A 23 3.84 -5.26 4.13
N SER A 24 4.38 -6.48 4.11
CA SER A 24 3.77 -7.63 4.79
C SER A 24 4.22 -7.75 6.26
N TYR A 25 5.23 -6.96 6.64
CA TYR A 25 5.76 -6.95 8.00
C TYR A 25 4.83 -6.20 8.97
N THR A 26 3.96 -5.35 8.40
CA THR A 26 3.00 -4.57 9.16
C THR A 26 1.63 -4.53 8.47
N LYS A 27 1.54 -5.18 7.29
CA LYS A 27 0.30 -5.26 6.48
C LYS A 27 -0.22 -3.86 6.11
N THR A 28 0.69 -3.02 5.60
CA THR A 28 0.36 -1.65 5.20
C THR A 28 1.04 -1.26 3.89
N CYS A 29 0.47 -0.24 3.23
CA CYS A 29 0.99 0.26 1.96
C CYS A 29 2.14 1.24 2.17
N LYS A 30 3.29 0.95 1.55
CA LYS A 30 4.48 1.78 1.67
C LYS A 30 5.09 2.09 0.30
N ASP A 31 5.95 3.12 0.25
CA ASP A 31 6.62 3.54 -0.99
C ASP A 31 7.94 2.77 -1.16
N LYS A 32 8.25 2.43 -2.41
CA LYS A 32 9.48 1.69 -2.74
C LYS A 32 10.60 2.65 -3.12
N SER A 33 11.83 2.29 -2.76
CA SER A 33 13.01 3.11 -3.05
C SER A 33 14.10 2.28 -3.73
N SER A 34 14.32 1.06 -3.21
CA SER A 34 15.33 0.16 -3.76
C SER A 34 14.67 -0.92 -4.63
N ALA A 35 15.33 -1.25 -5.75
CA ALA A 35 14.84 -2.25 -6.68
C ALA A 35 15.57 -3.58 -6.50
N GLY A 1 -9.72 2.06 -10.46
CA GLY A 1 -10.76 2.28 -9.41
C GLY A 1 -10.34 3.33 -8.39
N TRP A 2 -10.40 2.97 -7.11
CA TRP A 2 -10.04 3.88 -6.02
C TRP A 2 -8.61 3.64 -5.57
N CYS A 3 -7.86 4.74 -5.39
CA CYS A 3 -6.46 4.67 -4.96
C CYS A 3 -6.34 4.99 -3.48
N GLY A 4 -5.52 4.22 -2.77
CA GLY A 4 -5.32 4.41 -1.34
C GLY A 4 -4.09 5.22 -1.02
N ASP A 5 -4.19 6.06 0.03
CA ASP A 5 -3.09 6.93 0.47
C ASP A 5 -2.10 6.15 1.36
N HYP A 6 -0.82 6.63 1.52
CA HYP A 6 0.20 5.95 2.36
C HYP A 6 -0.27 5.71 3.80
O HYP A 6 -0.76 6.63 4.47
CB HYP A 6 1.40 6.90 2.35
CG HYP A 6 1.22 7.73 1.11
CD HYP A 6 -0.24 7.86 0.89
OD1 HYP A 6 1.76 7.08 -0.03
HA HYP A 6 0.49 5.00 1.93
HB2 HYP A 6 1.39 7.52 3.24
HB3 HYP A 6 2.32 6.35 2.29
HG HYP A 6 1.70 8.71 1.26
HD22 HYP A 6 -0.46 7.89 -0.16
HD23 HYP A 6 -0.62 8.76 1.37
HD1 HYP A 6 1.14 7.15 -0.77
N GLY A 7 -0.13 4.46 4.26
CA GLY A 7 -0.54 4.09 5.61
C GLY A 7 -1.81 3.25 5.60
N ALA A 8 -2.19 2.76 4.42
CA ALA A 8 -3.40 1.92 4.26
C ALA A 8 -3.04 0.44 4.30
N THR A 9 -4.02 -0.38 4.72
CA THR A 9 -3.85 -1.84 4.82
C THR A 9 -4.03 -2.51 3.45
N CYS A 10 -3.15 -3.48 3.15
CA CYS A 10 -3.19 -4.21 1.88
C CYS A 10 -3.96 -5.52 2.01
N GLY A 11 -4.53 -5.97 0.89
CA GLY A 11 -5.29 -7.22 0.88
C GLY A 11 -6.07 -7.41 -0.41
N LYS A 12 -7.09 -8.28 -0.36
CA LYS A 12 -7.94 -8.56 -1.51
C LYS A 12 -9.23 -7.74 -1.48
N LEU A 13 -9.86 -7.68 -0.29
CA LEU A 13 -11.10 -6.92 -0.10
C LEU A 13 -10.82 -5.49 0.38
N ARG A 14 -9.53 -5.20 0.60
CA ARG A 14 -9.09 -3.87 1.07
C ARG A 14 -8.72 -2.98 -0.12
N LEU A 15 -8.45 -1.69 0.16
CA LEU A 15 -8.09 -0.71 -0.87
C LEU A 15 -6.64 -0.89 -1.35
N TYR A 16 -6.38 -0.49 -2.61
CA TYR A 16 -5.05 -0.60 -3.22
C TYR A 16 -4.16 0.56 -2.83
N CYS A 17 -2.84 0.37 -2.97
CA CYS A 17 -1.85 1.39 -2.63
C CYS A 17 -1.48 2.22 -3.85
N CYS A 18 -1.34 3.54 -3.64
CA CYS A 18 -0.98 4.49 -4.71
C CYS A 18 0.50 4.37 -5.11
N SER A 19 1.29 3.70 -4.25
CA SER A 19 2.72 3.52 -4.51
C SER A 19 3.00 2.17 -5.19
N GLY A 20 2.13 1.19 -4.95
CA GLY A 20 2.28 -0.14 -5.55
C GLY A 20 3.00 -1.13 -4.64
N PHE A 21 3.79 -0.63 -3.69
CA PHE A 21 4.55 -1.48 -2.77
C PHE A 21 3.78 -1.70 -1.45
N CYS A 22 3.55 -2.98 -1.14
CA CYS A 22 2.87 -3.39 0.08
C CYS A 22 3.82 -4.15 1.00
N ASP A 23 3.94 -3.67 2.24
CA ASP A 23 4.81 -4.33 3.23
C ASP A 23 4.02 -5.38 4.01
N SER A 24 4.55 -6.61 4.02
CA SER A 24 3.93 -7.74 4.70
C SER A 24 4.27 -7.78 6.20
N TYR A 25 5.18 -6.90 6.64
CA TYR A 25 5.59 -6.81 8.06
C TYR A 25 4.47 -6.23 8.92
N THR A 26 3.62 -5.40 8.31
CA THR A 26 2.49 -4.77 8.99
C THR A 26 1.25 -4.73 8.08
N LYS A 27 1.38 -5.29 6.85
CA LYS A 27 0.29 -5.32 5.85
C LYS A 27 -0.21 -3.91 5.51
N THR A 28 0.74 -3.04 5.14
CA THR A 28 0.42 -1.64 4.82
C THR A 28 1.21 -1.14 3.61
N CYS A 29 0.78 0.01 3.09
CA CYS A 29 1.40 0.65 1.92
C CYS A 29 2.67 1.41 2.32
N LYS A 30 3.76 1.16 1.57
CA LYS A 30 5.05 1.81 1.83
C LYS A 30 5.74 2.21 0.53
N ASP A 31 6.65 3.19 0.62
CA ASP A 31 7.42 3.66 -0.52
C ASP A 31 8.72 2.87 -0.68
N LYS A 32 9.16 2.69 -1.93
CA LYS A 32 10.39 1.95 -2.22
C LYS A 32 11.60 2.89 -2.33
N SER A 33 11.39 4.03 -3.00
CA SER A 33 12.45 5.03 -3.18
C SER A 33 12.28 6.19 -2.21
N SER A 34 13.41 6.67 -1.66
CA SER A 34 13.40 7.78 -0.71
C SER A 34 14.38 8.87 -1.15
N ALA A 35 15.56 8.47 -1.61
CA ALA A 35 16.59 9.41 -2.06
C ALA A 35 17.01 9.13 -3.50
N GLY A 1 -12.81 5.44 -10.46
CA GLY A 1 -11.52 4.80 -10.10
C GLY A 1 -10.77 5.54 -9.01
N TRP A 2 -10.89 5.04 -7.77
CA TRP A 2 -10.23 5.64 -6.61
C TRP A 2 -8.91 4.96 -6.31
N CYS A 3 -7.98 5.71 -5.72
CA CYS A 3 -6.66 5.19 -5.36
C CYS A 3 -6.49 5.19 -3.85
N GLY A 4 -5.66 4.26 -3.35
CA GLY A 4 -5.40 4.14 -1.92
C GLY A 4 -4.27 5.05 -1.45
N ASP A 5 -4.48 5.69 -0.29
CA ASP A 5 -3.49 6.60 0.30
C ASP A 5 -2.50 5.84 1.20
N HYP A 6 -1.28 6.40 1.49
CA HYP A 6 -0.28 5.74 2.35
C HYP A 6 -0.80 5.44 3.76
O HYP A 6 -1.34 6.34 4.43
CB HYP A 6 0.89 6.73 2.42
CG HYP A 6 0.70 7.64 1.24
CD HYP A 6 -0.77 7.72 0.99
OD1 HYP A 6 1.30 7.10 0.07
HA HYP A 6 0.07 4.81 1.90
HB2 HYP A 6 0.85 7.28 3.35
HB3 HYP A 6 1.83 6.20 2.34
HG HYP A 6 1.12 8.62 1.47
HD22 HYP A 6 -0.95 7.82 -0.07
HD23 HYP A 6 -1.20 8.53 1.54
HD1 HYP A 6 1.75 7.80 -0.41
N GLY A 7 -0.65 4.18 4.19
CA GLY A 7 -1.13 3.77 5.50
C GLY A 7 -2.30 2.81 5.43
N ALA A 8 -2.57 2.29 4.22
CA ALA A 8 -3.67 1.35 3.98
C ALA A 8 -3.20 -0.10 4.14
N THR A 9 -4.14 -0.97 4.51
CA THR A 9 -3.85 -2.40 4.71
C THR A 9 -3.92 -3.18 3.38
N CYS A 10 -2.92 -4.04 3.15
CA CYS A 10 -2.84 -4.83 1.93
C CYS A 10 -3.28 -6.27 2.20
N GLY A 11 -4.23 -6.76 1.38
CA GLY A 11 -4.72 -8.12 1.53
C GLY A 11 -6.16 -8.18 2.06
N LYS A 12 -6.52 -7.23 2.92
CA LYS A 12 -7.87 -7.17 3.51
C LYS A 12 -8.82 -6.31 2.67
N LEU A 13 -8.30 -5.20 2.14
CA LEU A 13 -9.10 -4.28 1.32
C LEU A 13 -8.95 -4.59 -0.17
N ARG A 14 -9.96 -4.22 -0.96
CA ARG A 14 -9.97 -4.45 -2.41
C ARG A 14 -9.33 -3.27 -3.16
N LEU A 15 -9.06 -2.18 -2.44
CA LEU A 15 -8.46 -0.98 -3.02
C LEU A 15 -6.93 -1.05 -2.94
N TYR A 16 -6.27 -0.66 -4.04
CA TYR A 16 -4.80 -0.67 -4.12
C TYR A 16 -4.22 0.68 -3.71
N CYS A 17 -2.98 0.68 -3.23
CA CYS A 17 -2.29 1.89 -2.79
C CYS A 17 -1.52 2.55 -3.93
N CYS A 18 -1.59 3.89 -3.98
CA CYS A 18 -0.92 4.70 -5.01
C CYS A 18 0.60 4.45 -5.11
N SER A 19 1.19 3.90 -4.04
CA SER A 19 2.63 3.61 -4.00
C SER A 19 2.97 2.27 -4.69
N GLY A 20 2.02 1.33 -4.66
CA GLY A 20 2.21 0.03 -5.29
C GLY A 20 2.95 -0.98 -4.41
N PHE A 21 3.80 -0.49 -3.50
CA PHE A 21 4.58 -1.35 -2.62
C PHE A 21 3.82 -1.66 -1.32
N CYS A 22 3.62 -2.96 -1.08
CA CYS A 22 2.94 -3.45 0.12
C CYS A 22 3.90 -4.25 0.98
N ASP A 23 4.05 -3.83 2.25
CA ASP A 23 4.94 -4.50 3.20
C ASP A 23 4.19 -5.60 3.95
N SER A 24 4.75 -6.82 3.88
CA SER A 24 4.16 -8.01 4.53
C SER A 24 4.57 -8.11 6.01
N TYR A 25 5.53 -7.28 6.44
CA TYR A 25 6.01 -7.27 7.83
C TYR A 25 4.97 -6.64 8.77
N THR A 26 4.09 -5.83 8.18
CA THR A 26 3.01 -5.15 8.94
C THR A 26 1.70 -5.16 8.15
N LYS A 27 1.72 -5.76 6.93
CA LYS A 27 0.55 -5.86 6.02
C LYS A 27 -0.01 -4.47 5.68
N THR A 28 0.89 -3.53 5.42
CA THR A 28 0.52 -2.15 5.10
C THR A 28 1.32 -1.60 3.92
N CYS A 29 0.81 -0.52 3.33
CA CYS A 29 1.44 0.14 2.18
C CYS A 29 2.60 1.05 2.62
N LYS A 30 3.74 0.89 1.93
CA LYS A 30 4.94 1.69 2.22
C LYS A 30 5.56 2.22 0.94
N ASP A 31 6.40 3.25 1.07
CA ASP A 31 7.08 3.86 -0.08
C ASP A 31 8.41 3.16 -0.36
N LYS A 32 8.62 2.79 -1.63
CA LYS A 32 9.85 2.11 -2.05
C LYS A 32 10.89 3.11 -2.53
N SER A 33 12.09 3.04 -1.95
CA SER A 33 13.20 3.93 -2.32
C SER A 33 14.48 3.14 -2.59
N SER A 34 15.29 3.65 -3.53
CA SER A 34 16.55 3.01 -3.91
C SER A 34 17.74 3.80 -3.38
N ALA A 35 18.72 3.08 -2.82
CA ALA A 35 19.92 3.70 -2.28
C ALA A 35 21.09 3.58 -3.25
N GLY A 1 -7.84 1.52 -10.28
CA GLY A 1 -8.96 1.61 -9.31
C GLY A 1 -8.79 2.73 -8.31
N TRP A 2 -9.20 2.48 -7.07
CA TRP A 2 -9.11 3.48 -5.99
C TRP A 2 -7.84 3.26 -5.16
N CYS A 3 -7.09 4.35 -4.96
CA CYS A 3 -5.85 4.29 -4.18
C CYS A 3 -6.02 4.96 -2.83
N GLY A 4 -5.31 4.44 -1.83
CA GLY A 4 -5.38 4.98 -0.47
C GLY A 4 -4.23 5.91 -0.16
N ASP A 5 -4.17 6.35 1.11
CA ASP A 5 -3.11 7.24 1.58
C ASP A 5 -1.96 6.44 2.23
N HYP A 6 -0.70 7.00 2.26
CA HYP A 6 0.46 6.30 2.87
C HYP A 6 0.20 5.86 4.31
O HYP A 6 -0.02 6.68 5.20
CB HYP A 6 1.59 7.34 2.80
CG HYP A 6 0.94 8.64 2.46
CD HYP A 6 -0.30 8.31 1.70
OD1 HYP A 6 1.75 9.43 1.61
HA HYP A 6 0.73 5.43 2.28
HB2 HYP A 6 2.09 7.39 3.77
HB3 HYP A 6 2.30 7.07 2.03
HG HYP A 6 0.71 9.19 3.39
HD22 HYP A 6 -0.08 8.23 0.65
HD23 HYP A 6 -1.06 9.06 1.88
HD1 HYP A 6 2.64 9.07 1.59
N GLY A 7 0.21 4.53 4.52
CA GLY A 7 -0.04 3.96 5.83
C GLY A 7 -1.37 3.23 5.90
N ALA A 8 -1.97 2.98 4.72
CA ALA A 8 -3.25 2.28 4.60
C ALA A 8 -3.06 0.77 4.58
N THR A 9 -4.09 0.04 5.03
CA THR A 9 -4.06 -1.44 5.08
C THR A 9 -4.26 -2.03 3.67
N CYS A 10 -3.28 -2.84 3.25
CA CYS A 10 -3.31 -3.48 1.93
C CYS A 10 -3.49 -5.00 2.08
N GLY A 11 -4.23 -5.60 1.14
CA GLY A 11 -4.48 -7.03 1.17
C GLY A 11 -5.37 -7.49 0.04
N LYS A 12 -6.27 -8.43 0.34
CA LYS A 12 -7.20 -8.99 -0.65
C LYS A 12 -8.56 -8.28 -0.59
N LEU A 13 -9.03 -8.00 0.63
CA LEU A 13 -10.32 -7.32 0.84
C LEU A 13 -10.17 -5.80 0.83
N ARG A 14 -8.91 -5.32 0.84
CA ARG A 14 -8.60 -3.89 0.83
C ARG A 14 -8.36 -3.38 -0.60
N LEU A 15 -8.34 -2.06 -0.77
CA LEU A 15 -8.13 -1.43 -2.07
C LEU A 15 -6.64 -1.41 -2.46
N TYR A 16 -6.35 -1.09 -3.73
CA TYR A 16 -4.98 -1.04 -4.24
C TYR A 16 -4.39 0.37 -4.05
N CYS A 17 -3.08 0.41 -3.78
CA CYS A 17 -2.37 1.68 -3.57
C CYS A 17 -1.63 2.12 -4.84
N CYS A 18 -1.67 3.42 -5.12
CA CYS A 18 -1.03 4.01 -6.31
C CYS A 18 0.51 4.05 -6.18
N SER A 19 1.04 3.61 -5.03
CA SER A 19 2.49 3.58 -4.78
C SER A 19 3.13 2.32 -5.34
N GLY A 20 2.35 1.23 -5.39
CA GLY A 20 2.84 -0.04 -5.92
C GLY A 20 3.62 -0.88 -4.92
N PHE A 21 3.51 -0.54 -3.63
CA PHE A 21 4.22 -1.28 -2.58
C PHE A 21 3.31 -1.58 -1.38
N CYS A 22 3.04 -2.86 -1.18
CA CYS A 22 2.21 -3.33 -0.06
C CYS A 22 3.07 -4.20 0.88
N ASP A 23 3.36 -3.66 2.06
CA ASP A 23 4.16 -4.37 3.08
C ASP A 23 3.32 -5.44 3.79
N SER A 24 3.78 -6.70 3.69
CA SER A 24 3.09 -7.85 4.28
C SER A 24 3.49 -8.07 5.75
N TYR A 25 4.49 -7.30 6.22
CA TYR A 25 4.98 -7.41 7.60
C TYR A 25 4.03 -6.68 8.57
N THR A 26 3.27 -5.73 8.04
CA THR A 26 2.30 -4.96 8.83
C THR A 26 0.99 -4.75 8.07
N LYS A 27 0.91 -5.30 6.84
CA LYS A 27 -0.27 -5.19 5.94
C LYS A 27 -0.62 -3.72 5.64
N THR A 28 0.42 -2.95 5.27
CA THR A 28 0.25 -1.52 4.97
C THR A 28 1.08 -1.11 3.77
N CYS A 29 0.62 -0.05 3.10
CA CYS A 29 1.29 0.49 1.90
C CYS A 29 2.43 1.44 2.28
N LYS A 30 3.58 1.26 1.64
CA LYS A 30 4.76 2.10 1.92
C LYS A 30 5.48 2.49 0.62
N ASP A 31 6.45 3.41 0.73
CA ASP A 31 7.24 3.87 -0.41
C ASP A 31 8.46 2.98 -0.63
N LYS A 32 8.95 2.93 -1.88
CA LYS A 32 10.12 2.11 -2.22
C LYS A 32 11.41 2.90 -2.08
N SER A 33 12.50 2.20 -1.75
CA SER A 33 13.81 2.82 -1.57
C SER A 33 14.86 2.09 -2.40
N SER A 34 15.62 2.87 -3.18
CA SER A 34 16.68 2.32 -4.04
C SER A 34 18.06 2.67 -3.50
N ALA A 35 19.01 1.75 -3.69
CA ALA A 35 20.38 1.93 -3.24
C ALA A 35 21.29 2.38 -4.38
N GLY A 1 -10.33 3.38 -9.54
CA GLY A 1 -11.19 3.82 -8.42
C GLY A 1 -10.47 4.74 -7.46
N TRP A 2 -10.42 4.34 -6.19
CA TRP A 2 -9.75 5.12 -5.14
C TRP A 2 -8.31 4.64 -4.92
N CYS A 3 -7.43 5.57 -4.57
CA CYS A 3 -6.03 5.25 -4.32
C CYS A 3 -5.75 5.15 -2.82
N GLY A 4 -4.82 4.26 -2.45
CA GLY A 4 -4.48 4.06 -1.06
C GLY A 4 -3.25 4.84 -0.63
N ASP A 5 -3.40 5.65 0.43
CA ASP A 5 -2.32 6.47 0.96
C ASP A 5 -1.55 5.70 2.05
N HYP A 6 -0.25 6.10 2.37
CA HYP A 6 0.55 5.41 3.41
C HYP A 6 -0.10 5.45 4.79
O HYP A 6 -0.57 6.50 5.24
CB HYP A 6 1.88 6.18 3.43
CG HYP A 6 1.92 6.91 2.12
CD HYP A 6 0.51 7.21 1.74
OD1 HYP A 6 2.46 6.10 1.09
HA HYP A 6 0.74 4.38 3.14
HB2 HYP A 6 1.89 6.87 4.26
HB3 HYP A 6 2.70 5.50 3.49
HG HYP A 6 2.51 7.84 2.23
HD22 HYP A 6 0.41 7.19 0.67
HD23 HYP A 6 0.21 8.17 2.14
HD1 HYP A 6 3.06 6.63 0.54
N GLY A 7 -0.13 4.29 5.46
CA GLY A 7 -0.73 4.18 6.78
C GLY A 7 -2.00 3.33 6.79
N ALA A 8 -2.40 2.85 5.60
CA ALA A 8 -3.60 2.03 5.46
C ALA A 8 -3.25 0.55 5.42
N THR A 9 -4.19 -0.29 5.86
CA THR A 9 -3.99 -1.75 5.89
C THR A 9 -4.38 -2.38 4.56
N CYS A 10 -3.44 -3.11 3.95
CA CYS A 10 -3.68 -3.78 2.67
C CYS A 10 -3.45 -5.29 2.79
N GLY A 11 -4.49 -6.06 2.45
CA GLY A 11 -4.42 -7.52 2.51
C GLY A 11 -5.42 -8.18 1.59
N LYS A 12 -6.68 -7.71 1.65
CA LYS A 12 -7.76 -8.24 0.82
C LYS A 12 -7.93 -7.39 -0.44
N LEU A 13 -8.68 -7.92 -1.42
CA LEU A 13 -8.92 -7.21 -2.69
C LEU A 13 -10.06 -6.19 -2.54
N ARG A 14 -9.68 -4.96 -2.17
CA ARG A 14 -10.63 -3.85 -2.00
C ARG A 14 -10.01 -2.54 -2.46
N LEU A 15 -8.76 -2.29 -2.04
CA LEU A 15 -8.03 -1.06 -2.41
C LEU A 15 -6.63 -1.41 -2.89
N TYR A 16 -6.11 -0.58 -3.80
CA TYR A 16 -4.78 -0.78 -4.38
C TYR A 16 -3.80 0.28 -3.86
N CYS A 17 -2.50 -0.03 -3.97
CA CYS A 17 -1.42 0.87 -3.52
C CYS A 17 -1.13 1.95 -4.57
N CYS A 18 -0.92 3.19 -4.10
CA CYS A 18 -0.64 4.34 -4.98
C CYS A 18 0.72 4.20 -5.69
N SER A 19 1.70 3.64 -4.98
CA SER A 19 3.04 3.43 -5.53
C SER A 19 3.21 2.02 -6.08
N GLY A 20 2.45 1.06 -5.50
CA GLY A 20 2.50 -0.33 -5.93
C GLY A 20 3.39 -1.19 -5.04
N PHE A 21 3.43 -0.86 -3.75
CA PHE A 21 4.24 -1.60 -2.77
C PHE A 21 3.51 -1.73 -1.43
N CYS A 22 3.26 -2.97 -1.02
CA CYS A 22 2.61 -3.27 0.25
C CYS A 22 3.57 -4.00 1.18
N ASP A 23 3.76 -3.45 2.38
CA ASP A 23 4.65 -4.03 3.38
C ASP A 23 3.95 -5.15 4.16
N SER A 24 4.55 -6.35 4.13
CA SER A 24 4.02 -7.53 4.80
C SER A 24 4.43 -7.61 6.27
N TYR A 25 5.33 -6.70 6.70
CA TYR A 25 5.80 -6.64 8.09
C TYR A 25 4.75 -6.01 9.01
N THR A 26 3.85 -5.24 8.41
CA THR A 26 2.76 -4.58 9.15
C THR A 26 1.44 -4.63 8.36
N LYS A 27 1.49 -5.22 7.14
CA LYS A 27 0.31 -5.35 6.25
C LYS A 27 -0.28 -3.98 5.90
N THR A 28 0.59 -3.07 5.44
CA THR A 28 0.18 -1.71 5.08
C THR A 28 0.77 -1.27 3.75
N CYS A 29 0.15 -0.22 3.16
CA CYS A 29 0.61 0.33 1.88
C CYS A 29 1.75 1.34 2.09
N LYS A 30 2.89 1.06 1.44
CA LYS A 30 4.07 1.92 1.54
C LYS A 30 4.63 2.27 0.16
N ASP A 31 5.52 3.27 0.12
CA ASP A 31 6.15 3.71 -1.13
C ASP A 31 7.43 2.91 -1.40
N LYS A 32 7.69 2.64 -2.67
CA LYS A 32 8.88 1.88 -3.09
C LYS A 32 10.01 2.83 -3.51
N SER A 33 9.67 3.87 -4.27
CA SER A 33 10.66 4.85 -4.73
C SER A 33 10.30 6.25 -4.25
N SER A 34 11.33 7.03 -3.91
CA SER A 34 11.15 8.41 -3.44
C SER A 34 12.01 9.38 -4.23
N ALA A 35 13.26 8.99 -4.51
CA ALA A 35 14.19 9.83 -5.27
C ALA A 35 14.27 9.39 -6.73
N GLY A 1 -11.07 2.31 -8.19
CA GLY A 1 -11.71 3.64 -8.06
C GLY A 1 -10.88 4.61 -7.24
N TRP A 2 -10.63 4.24 -5.98
CA TRP A 2 -9.83 5.08 -5.06
C TRP A 2 -8.38 4.63 -5.04
N CYS A 3 -7.47 5.57 -4.76
CA CYS A 3 -6.05 5.28 -4.68
C CYS A 3 -5.62 5.19 -3.22
N GLY A 4 -4.90 4.11 -2.88
CA GLY A 4 -4.45 3.89 -1.51
C GLY A 4 -3.22 4.70 -1.15
N ASP A 5 -3.36 5.56 -0.13
CA ASP A 5 -2.26 6.41 0.35
C ASP A 5 -1.51 5.74 1.50
N HYP A 6 -0.20 6.11 1.73
CA HYP A 6 0.61 5.52 2.84
C HYP A 6 -0.03 5.68 4.22
O HYP A 6 -0.49 6.77 4.58
CB HYP A 6 1.94 6.31 2.78
CG HYP A 6 1.66 7.50 1.90
CD HYP A 6 0.59 7.09 0.95
OD1 HYP A 6 2.80 7.85 1.13
HA HYP A 6 0.81 4.48 2.65
HB2 HYP A 6 2.22 6.62 3.78
HB3 HYP A 6 2.71 5.71 2.34
HG HYP A 6 1.35 8.35 2.52
HD22 HYP A 6 1.02 6.62 0.07
HD23 HYP A 6 -0.01 7.94 0.66
HD1 HYP A 6 3.50 8.15 1.71
N GLY A 7 -0.07 4.57 4.96
CA GLY A 7 -0.67 4.57 6.30
C GLY A 7 -1.97 3.78 6.35
N ALA A 8 -2.33 3.14 5.23
CA ALA A 8 -3.55 2.35 5.14
C ALA A 8 -3.26 0.86 5.30
N THR A 9 -4.26 0.11 5.79
CA THR A 9 -4.12 -1.33 6.01
C THR A 9 -4.37 -2.12 4.71
N CYS A 10 -3.33 -2.82 4.25
CA CYS A 10 -3.41 -3.61 3.02
C CYS A 10 -3.51 -5.10 3.35
N GLY A 11 -4.59 -5.73 2.87
CA GLY A 11 -4.81 -7.15 3.10
C GLY A 11 -4.56 -7.98 1.86
N LYS A 12 -5.65 -8.35 1.18
CA LYS A 12 -5.57 -9.15 -0.04
C LYS A 12 -6.30 -8.46 -1.19
N LEU A 13 -7.58 -8.11 -0.97
CA LEU A 13 -8.39 -7.42 -1.97
C LEU A 13 -9.35 -6.41 -1.32
N ARG A 14 -8.86 -5.16 -1.20
CA ARG A 14 -9.65 -4.07 -0.60
C ARG A 14 -9.33 -2.75 -1.31
N LEU A 15 -8.05 -2.34 -1.27
CA LEU A 15 -7.59 -1.10 -1.91
C LEU A 15 -6.16 -1.28 -2.41
N TYR A 16 -5.85 -0.67 -3.55
CA TYR A 16 -4.53 -0.74 -4.17
C TYR A 16 -3.67 0.46 -3.77
N CYS A 17 -2.35 0.29 -3.87
CA CYS A 17 -1.38 1.34 -3.54
C CYS A 17 -1.14 2.28 -4.73
N CYS A 18 -1.06 3.58 -4.42
CA CYS A 18 -0.82 4.62 -5.44
C CYS A 18 0.57 4.49 -6.08
N SER A 19 1.52 3.93 -5.31
CA SER A 19 2.89 3.72 -5.78
C SER A 19 3.09 2.27 -6.23
N GLY A 20 2.33 1.35 -5.64
CA GLY A 20 2.42 -0.06 -5.99
C GLY A 20 3.26 -0.87 -5.02
N PHE A 21 3.04 -0.65 -3.70
CA PHE A 21 3.79 -1.37 -2.66
C PHE A 21 2.92 -1.64 -1.43
N CYS A 22 2.65 -2.92 -1.18
CA CYS A 22 1.88 -3.36 -0.02
C CYS A 22 2.75 -4.20 0.90
N ASP A 23 3.01 -3.67 2.11
CA ASP A 23 3.84 -4.37 3.12
C ASP A 23 3.04 -5.45 3.83
N SER A 24 3.51 -6.69 3.69
CA SER A 24 2.86 -7.86 4.31
C SER A 24 3.40 -8.14 5.72
N TYR A 25 4.48 -7.43 6.10
CA TYR A 25 5.10 -7.59 7.42
C TYR A 25 4.30 -6.84 8.50
N THR A 26 3.60 -5.79 8.06
CA THR A 26 2.79 -4.96 8.97
C THR A 26 1.37 -4.79 8.41
N LYS A 27 1.10 -5.37 7.21
CA LYS A 27 -0.21 -5.30 6.53
C LYS A 27 -0.64 -3.85 6.26
N THR A 28 0.30 -3.07 5.71
CA THR A 28 0.04 -1.65 5.41
C THR A 28 0.69 -1.25 4.08
N CYS A 29 0.16 -0.17 3.48
CA CYS A 29 0.66 0.35 2.21
C CYS A 29 1.80 1.34 2.43
N LYS A 30 2.91 1.15 1.71
CA LYS A 30 4.09 2.02 1.84
C LYS A 30 4.69 2.35 0.47
N ASP A 31 5.63 3.31 0.44
CA ASP A 31 6.30 3.73 -0.79
C ASP A 31 7.56 2.87 -1.03
N LYS A 32 8.01 2.83 -2.30
CA LYS A 32 9.20 2.06 -2.68
C LYS A 32 10.48 2.85 -2.46
N SER A 33 10.45 4.15 -2.84
CA SER A 33 11.60 5.03 -2.69
C SER A 33 11.33 6.14 -1.69
N SER A 34 12.39 6.60 -1.02
CA SER A 34 12.27 7.66 -0.02
C SER A 34 12.62 9.03 -0.61
N ALA A 35 13.69 9.07 -1.43
CA ALA A 35 14.14 10.30 -2.06
C ALA A 35 14.09 10.18 -3.59
N GLY A 1 -9.57 5.85 -10.82
CA GLY A 1 -10.45 5.38 -9.72
C GLY A 1 -9.99 5.85 -8.36
N TRP A 2 -10.31 5.07 -7.32
CA TRP A 2 -9.93 5.40 -5.94
C TRP A 2 -8.65 4.67 -5.55
N CYS A 3 -7.71 5.43 -4.97
CA CYS A 3 -6.42 4.88 -4.54
C CYS A 3 -6.24 5.07 -3.03
N GLY A 4 -5.41 4.20 -2.43
CA GLY A 4 -5.14 4.27 -0.99
C GLY A 4 -3.97 5.15 -0.64
N ASP A 5 -4.08 5.83 0.51
CA ASP A 5 -3.02 6.73 1.00
C ASP A 5 -2.07 5.99 1.95
N HYP A 6 -0.81 6.50 2.18
CA HYP A 6 0.16 5.84 3.11
C HYP A 6 -0.38 5.68 4.53
O HYP A 6 -0.92 6.62 5.11
CB HYP A 6 1.37 6.79 3.12
CG HYP A 6 1.24 7.59 1.85
CD HYP A 6 -0.22 7.73 1.58
OD1 HYP A 6 1.82 6.92 0.74
HA HYP A 6 0.46 4.87 2.73
HB2 HYP A 6 1.34 7.42 3.99
HB3 HYP A 6 2.29 6.21 3.09
HG HYP A 6 1.71 8.57 1.99
HD22 HYP A 6 -0.39 7.75 0.51
HD23 HYP A 6 -0.60 8.62 2.05
HD1 HYP A 6 2.55 7.43 0.40
N GLY A 7 -0.23 4.46 5.08
CA GLY A 7 -0.70 4.17 6.42
C GLY A 7 -2.00 3.36 6.41
N ALA A 8 -2.39 2.87 5.23
CA ALA A 8 -3.61 2.08 5.06
C ALA A 8 -3.30 0.59 5.00
N THR A 9 -4.28 -0.24 5.40
CA THR A 9 -4.12 -1.70 5.40
C THR A 9 -4.28 -2.27 3.98
N CYS A 10 -3.25 -2.98 3.53
CA CYS A 10 -3.24 -3.59 2.20
C CYS A 10 -3.53 -5.10 2.27
N GLY A 11 -4.19 -5.60 1.22
CA GLY A 11 -4.53 -7.02 1.17
C GLY A 11 -5.23 -7.41 -0.13
N LYS A 12 -6.20 -8.32 -0.03
CA LYS A 12 -6.97 -8.79 -1.19
C LYS A 12 -8.30 -8.04 -1.31
N LEU A 13 -8.99 -7.88 -0.18
CA LEU A 13 -10.29 -7.18 -0.15
C LEU A 13 -10.11 -5.68 0.18
N ARG A 14 -8.87 -5.29 0.45
CA ARG A 14 -8.53 -3.90 0.78
C ARG A 14 -8.15 -3.11 -0.49
N LEU A 15 -7.93 -1.80 -0.33
CA LEU A 15 -7.56 -0.91 -1.46
C LEU A 15 -6.12 -1.17 -1.93
N TYR A 16 -5.86 -0.83 -3.21
CA TYR A 16 -4.54 -1.01 -3.82
C TYR A 16 -3.59 0.15 -3.51
N CYS A 17 -2.29 -0.10 -3.71
CA CYS A 17 -1.24 0.90 -3.46
C CYS A 17 -1.02 1.80 -4.67
N CYS A 18 -0.84 3.11 -4.40
CA CYS A 18 -0.61 4.11 -5.46
C CYS A 18 0.79 3.99 -6.07
N SER A 19 1.76 3.54 -5.25
CA SER A 19 3.15 3.37 -5.69
C SER A 19 3.40 1.94 -6.18
N GLY A 20 2.64 0.98 -5.64
CA GLY A 20 2.77 -0.41 -6.04
C GLY A 20 3.61 -1.23 -5.07
N PHE A 21 3.59 -0.86 -3.78
CA PHE A 21 4.35 -1.57 -2.75
C PHE A 21 3.53 -1.71 -1.46
N CYS A 22 3.22 -2.95 -1.11
CA CYS A 22 2.48 -3.27 0.11
C CYS A 22 3.36 -4.07 1.06
N ASP A 23 3.58 -3.52 2.27
CA ASP A 23 4.41 -4.17 3.29
C ASP A 23 3.62 -5.26 4.03
N SER A 24 4.12 -6.49 3.96
CA SER A 24 3.48 -7.65 4.59
C SER A 24 3.91 -7.81 6.06
N TYR A 25 4.92 -7.04 6.48
CA TYR A 25 5.42 -7.08 7.87
C TYR A 25 4.45 -6.38 8.83
N THR A 26 3.59 -5.53 8.28
CA THR A 26 2.59 -4.79 9.05
C THR A 26 1.25 -4.73 8.30
N LYS A 27 1.21 -5.31 7.08
CA LYS A 27 0.00 -5.35 6.21
C LYS A 27 -0.50 -3.92 5.89
N THR A 28 0.45 -3.05 5.53
CA THR A 28 0.14 -1.65 5.21
C THR A 28 0.78 -1.22 3.90
N CYS A 29 0.26 -0.12 3.33
CA CYS A 29 0.76 0.42 2.07
C CYS A 29 1.95 1.35 2.30
N LYS A 30 3.06 1.07 1.61
CA LYS A 30 4.28 1.87 1.75
C LYS A 30 4.88 2.21 0.38
N ASP A 31 5.73 3.24 0.34
CA ASP A 31 6.39 3.67 -0.89
C ASP A 31 7.70 2.92 -1.11
N LYS A 32 7.99 2.62 -2.39
CA LYS A 32 9.21 1.90 -2.75
C LYS A 32 10.34 2.86 -3.12
N SER A 33 10.00 3.89 -3.91
CA SER A 33 10.98 4.90 -4.34
C SER A 33 10.79 6.20 -3.59
N SER A 34 11.90 6.90 -3.33
CA SER A 34 11.88 8.18 -2.61
C SER A 34 12.63 9.26 -3.39
N ALA A 35 13.80 8.89 -3.96
CA ALA A 35 14.66 9.80 -4.75
C ALA A 35 15.16 10.99 -3.92
N GLY A 1 -11.47 2.46 -9.65
CA GLY A 1 -10.01 2.69 -9.54
C GLY A 1 -9.66 3.70 -8.46
N TRP A 2 -9.68 3.26 -7.20
CA TRP A 2 -9.37 4.11 -6.06
C TRP A 2 -7.89 3.96 -5.65
N CYS A 3 -7.28 5.09 -5.29
CA CYS A 3 -5.88 5.11 -4.87
C CYS A 3 -5.78 5.18 -3.35
N GLY A 4 -4.90 4.34 -2.78
CA GLY A 4 -4.71 4.30 -1.33
C GLY A 4 -3.58 5.19 -0.85
N ASP A 5 -3.82 5.91 0.24
CA ASP A 5 -2.83 6.82 0.84
C ASP A 5 -1.97 6.10 1.89
N HYP A 6 -0.74 6.61 2.22
CA HYP A 6 0.14 5.96 3.24
C HYP A 6 -0.52 5.83 4.61
O HYP A 6 -1.12 6.79 5.11
CB HYP A 6 1.36 6.89 3.32
CG HYP A 6 1.33 7.69 2.05
CD HYP A 6 -0.10 7.83 1.66
OD1 HYP A 6 1.99 7.02 0.99
HA HYP A 6 0.45 4.98 2.91
HB2 HYP A 6 1.27 7.53 4.19
HB3 HYP A 6 2.27 6.31 3.36
HG HYP A 6 1.80 8.67 2.23
HD22 HYP A 6 -0.19 7.85 0.59
HD23 HYP A 6 -0.52 8.73 2.10
HD1 HYP A 6 1.40 6.94 0.23
N GLY A 7 -0.39 4.64 5.20
CA GLY A 7 -0.98 4.37 6.51
C GLY A 7 -2.25 3.53 6.43
N ALA A 8 -2.53 2.99 5.23
CA ALA A 8 -3.71 2.17 4.99
C ALA A 8 -3.34 0.68 5.00
N THR A 9 -4.33 -0.16 5.35
CA THR A 9 -4.13 -1.62 5.41
C THR A 9 -4.30 -2.24 4.02
N CYS A 10 -3.26 -2.95 3.56
CA CYS A 10 -3.28 -3.59 2.25
C CYS A 10 -3.56 -5.08 2.37
N GLY A 11 -4.18 -5.64 1.32
CA GLY A 11 -4.51 -7.06 1.30
C GLY A 11 -5.16 -7.49 -0.01
N LYS A 12 -6.23 -8.29 0.10
CA LYS A 12 -6.95 -8.78 -1.08
C LYS A 12 -8.25 -8.01 -1.30
N LEU A 13 -9.01 -7.82 -0.21
CA LEU A 13 -10.30 -7.10 -0.26
C LEU A 13 -10.12 -5.63 0.17
N ARG A 14 -8.86 -5.24 0.44
CA ARG A 14 -8.53 -3.88 0.86
C ARG A 14 -8.19 -2.98 -0.33
N LEU A 15 -7.93 -1.69 -0.07
CA LEU A 15 -7.60 -0.71 -1.12
C LEU A 15 -6.21 -0.96 -1.71
N TYR A 16 -6.03 -0.54 -2.97
CA TYR A 16 -4.76 -0.71 -3.69
C TYR A 16 -3.77 0.40 -3.32
N CYS A 17 -2.47 0.14 -3.59
CA CYS A 17 -1.40 1.09 -3.29
C CYS A 17 -1.17 2.07 -4.45
N CYS A 18 -0.94 3.34 -4.09
CA CYS A 18 -0.70 4.42 -5.07
C CYS A 18 0.65 4.25 -5.78
N SER A 19 1.66 3.76 -5.03
CA SER A 19 3.01 3.55 -5.57
C SER A 19 3.17 2.12 -6.12
N GLY A 20 2.41 1.18 -5.55
CA GLY A 20 2.47 -0.21 -5.98
C GLY A 20 3.32 -1.09 -5.08
N PHE A 21 3.38 -0.75 -3.78
CA PHE A 21 4.17 -1.51 -2.81
C PHE A 21 3.41 -1.68 -1.49
N CYS A 22 3.11 -2.95 -1.17
CA CYS A 22 2.40 -3.29 0.06
C CYS A 22 3.32 -4.10 0.98
N ASP A 23 3.55 -3.60 2.19
CA ASP A 23 4.41 -4.27 3.18
C ASP A 23 3.64 -5.35 3.93
N SER A 24 4.14 -6.59 3.82
CA SER A 24 3.52 -7.76 4.46
C SER A 24 3.97 -7.94 5.91
N TYR A 25 4.94 -7.12 6.35
CA TYR A 25 5.45 -7.17 7.73
C TYR A 25 4.43 -6.58 8.72
N THR A 26 3.57 -5.70 8.20
CA THR A 26 2.52 -5.05 9.01
C THR A 26 1.21 -4.95 8.23
N LYS A 27 1.20 -5.49 6.99
CA LYS A 27 0.02 -5.47 6.09
C LYS A 27 -0.47 -4.04 5.82
N THR A 28 0.49 -3.16 5.50
CA THR A 28 0.19 -1.75 5.23
C THR A 28 0.79 -1.29 3.90
N CYS A 29 0.27 -0.16 3.39
CA CYS A 29 0.74 0.41 2.12
C CYS A 29 1.95 1.32 2.35
N LYS A 30 3.04 1.04 1.63
CA LYS A 30 4.27 1.83 1.74
C LYS A 30 4.83 2.17 0.35
N ASP A 31 5.68 3.20 0.31
CA ASP A 31 6.31 3.65 -0.94
C ASP A 31 7.61 2.90 -1.21
N LYS A 32 7.87 2.60 -2.48
CA LYS A 32 9.08 1.88 -2.89
C LYS A 32 10.21 2.85 -3.25
N SER A 33 9.87 3.92 -3.99
CA SER A 33 10.84 4.92 -4.41
C SER A 33 10.79 6.15 -3.51
N SER A 34 11.96 6.72 -3.23
CA SER A 34 12.07 7.91 -2.37
C SER A 34 12.86 9.02 -3.07
N ALA A 35 13.98 8.64 -3.73
CA ALA A 35 14.87 9.57 -4.46
C ALA A 35 15.49 10.62 -3.54
N GLY A 1 -9.39 0.98 -9.16
CA GLY A 1 -10.57 1.79 -8.72
C GLY A 1 -10.16 3.02 -7.93
N TRP A 2 -10.13 2.89 -6.60
CA TRP A 2 -9.77 3.99 -5.72
C TRP A 2 -8.29 3.91 -5.32
N CYS A 3 -7.68 5.07 -5.10
CA CYS A 3 -6.27 5.16 -4.72
C CYS A 3 -6.13 5.39 -3.22
N GLY A 4 -5.33 4.53 -2.57
CA GLY A 4 -5.11 4.63 -1.13
C GLY A 4 -3.85 5.39 -0.77
N ASP A 5 -3.94 6.20 0.29
CA ASP A 5 -2.82 7.02 0.77
C ASP A 5 -1.83 6.18 1.62
N HYP A 6 -0.54 6.62 1.78
CA HYP A 6 0.45 5.87 2.59
C HYP A 6 -0.01 5.65 4.04
O HYP A 6 -0.38 6.60 4.74
CB HYP A 6 1.71 6.75 2.56
CG HYP A 6 1.53 7.64 1.37
CD HYP A 6 0.06 7.85 1.20
OD1 HYP A 6 2.00 7.02 0.17
HA HYP A 6 0.67 4.91 2.14
HB2 HYP A 6 1.78 7.33 3.47
HB3 HYP A 6 2.59 6.15 2.43
HG HYP A 6 2.05 8.59 1.53
HD22 HYP A 6 -0.19 7.94 0.15
HD23 HYP A 6 -0.25 8.73 1.75
HD1 HYP A 6 1.95 7.65 -0.56
N GLY A 7 0.03 4.38 4.47
CA GLY A 7 -0.40 4.01 5.81
C GLY A 7 -1.67 3.19 5.81
N ALA A 8 -2.06 2.69 4.62
CA ALA A 8 -3.26 1.86 4.46
C ALA A 8 -2.93 0.39 4.67
N THR A 9 -3.94 -0.39 5.10
CA THR A 9 -3.77 -1.83 5.36
C THR A 9 -3.86 -2.66 4.07
N CYS A 10 -2.89 -3.55 3.89
CA CYS A 10 -2.83 -4.42 2.71
C CYS A 10 -3.19 -5.86 3.09
N GLY A 11 -3.77 -6.60 2.14
CA GLY A 11 -4.16 -7.98 2.36
C GLY A 11 -5.34 -8.41 1.52
N LYS A 12 -6.45 -7.68 1.67
CA LYS A 12 -7.68 -7.97 0.92
C LYS A 12 -7.77 -7.09 -0.33
N LEU A 13 -8.50 -7.59 -1.34
CA LEU A 13 -8.67 -6.86 -2.61
C LEU A 13 -9.96 -6.03 -2.57
N ARG A 14 -9.81 -4.74 -2.20
CA ARG A 14 -10.92 -3.81 -2.11
C ARG A 14 -10.50 -2.40 -2.57
N LEU A 15 -9.30 -1.99 -2.16
CA LEU A 15 -8.76 -0.68 -2.51
C LEU A 15 -7.37 -0.83 -3.14
N TYR A 16 -7.08 0.04 -4.12
CA TYR A 16 -5.80 0.03 -4.82
C TYR A 16 -4.84 1.03 -4.18
N CYS A 17 -3.60 0.59 -3.94
CA CYS A 17 -2.56 1.44 -3.31
C CYS A 17 -1.93 2.40 -4.32
N CYS A 18 -1.71 3.64 -3.88
CA CYS A 18 -1.11 4.69 -4.70
C CYS A 18 0.38 4.44 -4.98
N SER A 19 1.06 3.76 -4.06
CA SER A 19 2.48 3.44 -4.19
C SER A 19 2.71 2.09 -4.87
N GLY A 20 1.75 1.16 -4.69
CA GLY A 20 1.84 -0.15 -5.30
C GLY A 20 2.56 -1.18 -4.43
N PHE A 21 3.47 -0.70 -3.56
CA PHE A 21 4.24 -1.58 -2.67
C PHE A 21 3.52 -1.77 -1.33
N CYS A 22 3.22 -3.04 -1.02
CA CYS A 22 2.55 -3.41 0.23
C CYS A 22 3.49 -4.22 1.11
N ASP A 23 3.72 -3.73 2.33
CA ASP A 23 4.59 -4.40 3.30
C ASP A 23 3.79 -5.37 4.16
N SER A 24 4.19 -6.66 4.11
CA SER A 24 3.54 -7.72 4.86
C SER A 24 4.08 -7.85 6.29
N TYR A 25 5.17 -7.13 6.58
CA TYR A 25 5.80 -7.14 7.92
C TYR A 25 4.98 -6.31 8.91
N THR A 26 4.15 -5.40 8.38
CA THR A 26 3.29 -4.53 9.19
C THR A 26 1.87 -4.45 8.61
N LYS A 27 1.64 -5.17 7.48
CA LYS A 27 0.33 -5.20 6.79
C LYS A 27 -0.13 -3.80 6.36
N THR A 28 0.83 -2.99 5.89
CA THR A 28 0.57 -1.62 5.46
C THR A 28 1.33 -1.27 4.19
N CYS A 29 0.88 -0.23 3.48
CA CYS A 29 1.51 0.21 2.24
C CYS A 29 2.68 1.16 2.51
N LYS A 30 3.80 0.92 1.82
CA LYS A 30 5.01 1.73 1.97
C LYS A 30 5.58 2.12 0.61
N ASP A 31 6.48 3.11 0.62
CA ASP A 31 7.13 3.59 -0.61
C ASP A 31 8.40 2.80 -0.90
N LYS A 32 8.51 2.28 -2.13
CA LYS A 32 9.66 1.49 -2.56
C LYS A 32 10.71 2.37 -3.23
N SER A 33 11.99 2.08 -2.97
CA SER A 33 13.09 2.84 -3.55
C SER A 33 14.09 1.91 -4.22
N SER A 34 14.51 2.28 -5.44
CA SER A 34 15.47 1.49 -6.21
C SER A 34 16.64 2.35 -6.68
N ALA A 35 17.84 1.78 -6.66
CA ALA A 35 19.05 2.47 -7.08
C ALA A 35 19.79 1.69 -8.16
N GLY A 1 -12.75 3.26 -10.18
CA GLY A 1 -11.55 2.70 -9.50
C GLY A 1 -10.89 3.70 -8.58
N TRP A 2 -11.10 3.52 -7.27
CA TRP A 2 -10.53 4.40 -6.25
C TRP A 2 -9.23 3.83 -5.69
N CYS A 3 -8.37 4.71 -5.18
CA CYS A 3 -7.08 4.31 -4.61
C CYS A 3 -6.94 4.86 -3.18
N GLY A 4 -6.10 4.19 -2.39
CA GLY A 4 -5.87 4.60 -1.00
C GLY A 4 -4.68 5.53 -0.85
N ASP A 5 -4.53 6.10 0.34
CA ASP A 5 -3.43 7.03 0.64
C ASP A 5 -2.24 6.27 1.27
N HYP A 6 -0.99 6.84 1.25
CA HYP A 6 0.21 6.18 1.83
C HYP A 6 0.02 5.79 3.30
O HYP A 6 -0.38 6.64 4.12
CB HYP A 6 1.32 7.22 1.69
CG HYP A 6 0.87 8.12 0.58
CD HYP A 6 -0.62 8.15 0.64
OD1 HYP A 6 1.23 7.61 -0.70
HA HYP A 6 0.47 5.28 1.28
HB2 HYP A 6 1.44 7.76 2.62
HB3 HYP A 6 2.25 6.74 1.42
HG HYP A 6 1.31 9.12 0.72
HD22 HYP A 6 -1.02 8.24 -0.36
HD23 HYP A 6 -0.95 8.97 1.25
HD1 HYP A 6 1.24 6.64 -0.66
N GLY A 7 0.30 4.53 3.62
CA GLY A 7 0.14 4.03 4.98
C GLY A 7 -1.16 3.24 5.16
N ALA A 8 -1.79 2.90 4.03
CA ALA A 8 -3.05 2.15 4.02
C ALA A 8 -2.81 0.64 4.08
N THR A 9 -3.80 -0.09 4.63
CA THR A 9 -3.74 -1.55 4.77
C THR A 9 -4.01 -2.24 3.42
N CYS A 10 -3.06 -3.11 3.02
CA CYS A 10 -3.16 -3.83 1.75
C CYS A 10 -3.73 -5.24 1.95
N GLY A 11 -4.39 -5.77 0.91
CA GLY A 11 -4.98 -7.09 0.97
C GLY A 11 -5.74 -7.45 -0.29
N LYS A 12 -6.74 -8.33 -0.15
CA LYS A 12 -7.58 -8.77 -1.27
C LYS A 12 -8.92 -8.04 -1.28
N LEU A 13 -9.55 -7.93 -0.11
CA LEU A 13 -10.85 -7.26 0.03
C LEU A 13 -10.68 -5.79 0.42
N ARG A 14 -9.42 -5.36 0.55
CA ARG A 14 -9.08 -3.97 0.92
C ARG A 14 -8.89 -3.10 -0.32
N LEU A 15 -8.71 -1.78 -0.10
CA LEU A 15 -8.52 -0.81 -1.20
C LEU A 15 -7.13 -0.95 -1.83
N TYR A 16 -7.01 -0.45 -3.08
CA TYR A 16 -5.75 -0.50 -3.84
C TYR A 16 -4.74 0.53 -3.33
N CYS A 17 -3.46 0.23 -3.54
CA CYS A 17 -2.37 1.11 -3.11
C CYS A 17 -1.85 1.98 -4.26
N CYS A 18 -1.59 3.25 -3.94
CA CYS A 18 -1.09 4.22 -4.93
C CYS A 18 0.44 4.17 -5.05
N SER A 19 1.11 3.61 -4.04
CA SER A 19 2.57 3.50 -4.02
C SER A 19 3.07 2.24 -4.74
N GLY A 20 2.23 1.19 -4.75
CA GLY A 20 2.59 -0.05 -5.41
C GLY A 20 3.23 -1.07 -4.48
N PHE A 21 4.09 -0.60 -3.56
CA PHE A 21 4.79 -1.47 -2.62
C PHE A 21 4.00 -1.61 -1.30
N CYS A 22 3.59 -2.83 -1.02
CA CYS A 22 2.86 -3.16 0.20
C CYS A 22 3.69 -4.09 1.08
N ASP A 23 3.99 -3.65 2.30
CA ASP A 23 4.78 -4.43 3.25
C ASP A 23 3.91 -5.43 3.98
N SER A 24 4.33 -6.71 3.96
CA SER A 24 3.60 -7.81 4.61
C SER A 24 3.92 -7.92 6.11
N TYR A 25 4.93 -7.17 6.57
CA TYR A 25 5.33 -7.17 7.97
C TYR A 25 4.30 -6.43 8.85
N THR A 26 3.53 -5.54 8.21
CA THR A 26 2.50 -4.76 8.89
C THR A 26 1.24 -4.65 8.02
N LYS A 27 1.28 -5.26 6.81
CA LYS A 27 0.16 -5.25 5.84
C LYS A 27 -0.26 -3.81 5.47
N THR A 28 0.74 -2.97 5.18
CA THR A 28 0.49 -1.57 4.83
C THR A 28 1.42 -1.08 3.72
N CYS A 29 1.05 0.07 3.11
CA CYS A 29 1.83 0.67 2.03
C CYS A 29 3.08 1.39 2.54
N LYS A 30 4.22 1.11 1.89
CA LYS A 30 5.50 1.72 2.26
C LYS A 30 6.26 2.18 1.02
N ASP A 31 7.25 3.07 1.23
CA ASP A 31 8.07 3.60 0.14
C ASP A 31 9.28 2.70 -0.12
N LYS A 32 9.65 2.56 -1.39
CA LYS A 32 10.81 1.73 -1.78
C LYS A 32 12.07 2.58 -1.92
N SER A 33 11.93 3.77 -2.52
CA SER A 33 13.05 4.68 -2.72
C SER A 33 13.06 5.77 -1.67
N SER A 34 14.26 6.08 -1.15
CA SER A 34 14.43 7.11 -0.12
C SER A 34 14.94 8.41 -0.74
N ALA A 35 14.48 9.54 -0.17
CA ALA A 35 14.87 10.86 -0.64
C ALA A 35 15.44 11.70 0.49
N GLY A 1 -10.87 4.47 -10.31
CA GLY A 1 -11.64 4.66 -9.06
C GLY A 1 -10.88 5.42 -7.99
N TRP A 2 -10.98 4.96 -6.75
CA TRP A 2 -10.29 5.60 -5.62
C TRP A 2 -8.97 4.89 -5.31
N CYS A 3 -7.96 5.67 -4.91
CA CYS A 3 -6.65 5.13 -4.58
C CYS A 3 -6.35 5.29 -3.10
N GLY A 4 -5.61 4.32 -2.54
CA GLY A 4 -5.25 4.34 -1.12
C GLY A 4 -3.95 5.07 -0.85
N ASP A 5 -3.96 5.90 0.20
CA ASP A 5 -2.79 6.69 0.60
C ASP A 5 -1.84 5.86 1.49
N HYP A 6 -0.51 6.19 1.52
CA HYP A 6 0.49 5.45 2.35
C HYP A 6 0.08 5.36 3.83
O HYP A 6 -0.24 6.38 4.46
CB HYP A 6 1.78 6.27 2.20
CG HYP A 6 1.37 7.57 1.56
CD HYP A 6 0.15 7.29 0.76
OD1 HYP A 6 2.37 8.04 0.65
HA HYP A 6 0.64 4.45 1.97
HB2 HYP A 6 2.22 6.44 3.18
HB3 HYP A 6 2.48 5.75 1.58
HG HYP A 6 1.19 8.32 2.34
HD22 HYP A 6 0.41 6.96 -0.23
HD23 HYP A 6 -0.47 8.16 0.72
HD1 HYP A 6 2.66 8.91 0.91
N GLY A 7 0.10 4.14 4.35
CA GLY A 7 -0.28 3.89 5.74
C GLY A 7 -1.57 3.09 5.85
N ALA A 8 -2.04 2.56 4.71
CA ALA A 8 -3.26 1.77 4.65
C ALA A 8 -2.95 0.28 4.76
N THR A 9 -3.92 -0.50 5.26
CA THR A 9 -3.75 -1.95 5.44
C THR A 9 -3.86 -2.70 4.11
N CYS A 10 -2.79 -3.43 3.76
CA CYS A 10 -2.74 -4.20 2.52
C CYS A 10 -2.90 -5.69 2.79
N GLY A 11 -3.83 -6.31 2.07
CA GLY A 11 -4.10 -7.74 2.24
C GLY A 11 -5.36 -8.18 1.53
N LYS A 12 -6.44 -7.43 1.73
CA LYS A 12 -7.74 -7.73 1.12
C LYS A 12 -7.91 -6.98 -0.20
N LEU A 13 -8.72 -7.54 -1.11
CA LEU A 13 -8.97 -6.93 -2.41
C LEU A 13 -10.23 -6.05 -2.37
N ARG A 14 -10.01 -4.75 -2.12
CA ARG A 14 -11.10 -3.77 -2.06
C ARG A 14 -10.66 -2.42 -2.63
N LEU A 15 -9.45 -2.00 -2.26
CA LEU A 15 -8.88 -0.73 -2.73
C LEU A 15 -7.47 -0.93 -3.26
N TYR A 16 -7.09 -0.10 -4.25
CA TYR A 16 -5.76 -0.17 -4.87
C TYR A 16 -4.79 0.79 -4.17
N CYS A 17 -3.50 0.44 -4.22
CA CYS A 17 -2.44 1.24 -3.61
C CYS A 17 -1.80 2.19 -4.62
N CYS A 18 -1.53 3.42 -4.19
CA CYS A 18 -0.91 4.46 -5.04
C CYS A 18 0.58 4.20 -5.26
N SER A 19 1.24 3.55 -4.28
CA SER A 19 2.67 3.25 -4.36
C SER A 19 2.93 1.86 -4.96
N GLY A 20 1.98 0.93 -4.76
CA GLY A 20 2.10 -0.42 -5.30
C GLY A 20 2.87 -1.37 -4.39
N PHE A 21 3.68 -0.81 -3.47
CA PHE A 21 4.47 -1.60 -2.53
C PHE A 21 3.71 -1.89 -1.23
N CYS A 22 3.56 -3.18 -0.92
CA CYS A 22 2.87 -3.63 0.28
C CYS A 22 3.85 -4.33 1.22
N ASP A 23 3.96 -3.79 2.44
CA ASP A 23 4.84 -4.35 3.47
C ASP A 23 4.11 -5.39 4.32
N SER A 24 4.67 -6.61 4.34
CA SER A 24 4.09 -7.73 5.10
C SER A 24 4.54 -7.75 6.56
N TYR A 25 5.49 -6.87 6.91
CA TYR A 25 6.02 -6.77 8.28
C TYR A 25 5.01 -6.06 9.21
N THR A 26 4.12 -5.28 8.60
CA THR A 26 3.09 -4.54 9.34
C THR A 26 1.75 -4.59 8.61
N LYS A 27 1.70 -5.29 7.46
CA LYS A 27 0.49 -5.45 6.62
C LYS A 27 -0.07 -4.08 6.18
N THR A 28 0.83 -3.22 5.71
CA THR A 28 0.47 -1.87 5.26
C THR A 28 1.24 -1.47 4.01
N CYS A 29 0.72 -0.47 3.28
CA CYS A 29 1.35 0.02 2.05
C CYS A 29 2.41 1.08 2.36
N LYS A 30 3.59 0.89 1.77
CA LYS A 30 4.72 1.80 1.96
C LYS A 30 5.34 2.21 0.62
N ASP A 31 6.13 3.30 0.65
CA ASP A 31 6.81 3.80 -0.55
C ASP A 31 8.19 3.14 -0.70
N LYS A 32 8.42 2.54 -1.87
CA LYS A 32 9.69 1.86 -2.16
C LYS A 32 10.68 2.80 -2.86
N SER A 33 10.19 3.52 -3.86
CA SER A 33 11.02 4.46 -4.63
C SER A 33 10.77 5.90 -4.17
N SER A 34 11.85 6.66 -4.03
CA SER A 34 11.77 8.06 -3.60
C SER A 34 11.94 9.00 -4.79
N ALA A 35 11.22 10.12 -4.75
CA ALA A 35 11.26 11.12 -5.82
C ALA A 35 11.60 12.51 -5.26
N GLY A 1 -12.60 3.20 -9.10
CA GLY A 1 -11.16 2.92 -8.84
C GLY A 1 -10.52 3.94 -7.92
N TRP A 2 -10.28 3.53 -6.68
CA TRP A 2 -9.67 4.40 -5.67
C TRP A 2 -8.16 4.18 -5.58
N CYS A 3 -7.44 5.22 -5.17
CA CYS A 3 -5.99 5.15 -5.01
C CYS A 3 -5.63 4.99 -3.54
N GLY A 4 -4.85 3.96 -3.23
CA GLY A 4 -4.45 3.68 -1.86
C GLY A 4 -3.28 4.52 -1.38
N ASP A 5 -3.52 5.33 -0.34
CA ASP A 5 -2.51 6.20 0.24
C ASP A 5 -1.78 5.52 1.41
N HYP A 6 -0.51 5.93 1.73
CA HYP A 6 0.27 5.33 2.84
C HYP A 6 -0.47 5.38 4.20
O HYP A 6 -0.97 6.44 4.60
CB HYP A 6 1.55 6.17 2.91
CG HYP A 6 1.28 7.39 2.06
CD HYP A 6 0.28 6.97 1.03
OD1 HYP A 6 2.45 7.80 1.36
HA HYP A 6 0.52 4.30 2.63
HB2 HYP A 6 1.76 6.45 3.93
HB3 HYP A 6 2.38 5.61 2.50
HG HYP A 6 0.90 8.20 2.69
HD22 HYP A 6 0.78 6.56 0.17
HD23 HYP A 6 -0.34 7.81 0.76
HD1 HYP A 6 2.77 8.62 1.75
N GLY A 7 -0.53 4.23 4.86
CA GLY A 7 -1.22 4.14 6.14
C GLY A 7 -2.48 3.28 6.09
N ALA A 8 -2.68 2.61 4.94
CA ALA A 8 -3.84 1.75 4.73
C ALA A 8 -3.47 0.28 4.93
N THR A 9 -4.47 -0.53 5.32
CA THR A 9 -4.27 -1.97 5.56
C THR A 9 -4.33 -2.76 4.24
N CYS A 10 -3.23 -3.44 3.93
CA CYS A 10 -3.12 -4.24 2.71
C CYS A 10 -3.18 -5.73 3.03
N GLY A 11 -4.23 -6.39 2.53
CA GLY A 11 -4.40 -7.82 2.77
C GLY A 11 -5.86 -8.25 2.82
N LYS A 12 -6.66 -7.52 3.60
CA LYS A 12 -8.09 -7.82 3.74
C LYS A 12 -8.94 -7.04 2.73
N LEU A 13 -8.58 -5.76 2.51
CA LEU A 13 -9.30 -4.90 1.57
C LEU A 13 -8.65 -4.95 0.19
N ARG A 14 -9.47 -4.80 -0.86
CA ARG A 14 -8.98 -4.83 -2.25
C ARG A 14 -8.73 -3.41 -2.76
N LEU A 15 -7.53 -2.90 -2.47
CA LEU A 15 -7.10 -1.57 -2.90
C LEU A 15 -5.61 -1.56 -3.23
N TYR A 16 -5.26 -0.85 -4.31
CA TYR A 16 -3.86 -0.77 -4.76
C TYR A 16 -3.19 0.49 -4.20
N CYS A 17 -1.85 0.45 -4.14
CA CYS A 17 -1.05 1.56 -3.63
C CYS A 17 -0.78 2.61 -4.71
N CYS A 18 -0.87 3.89 -4.33
CA CYS A 18 -0.63 5.01 -5.24
C CYS A 18 0.79 5.00 -5.83
N SER A 19 1.74 4.50 -5.04
CA SER A 19 3.14 4.40 -5.46
C SER A 19 3.47 3.00 -5.99
N GLY A 20 2.72 2.00 -5.49
CA GLY A 20 2.92 0.62 -5.92
C GLY A 20 3.73 -0.21 -4.94
N PHE A 21 3.41 -0.10 -3.64
CA PHE A 21 4.13 -0.86 -2.59
C PHE A 21 3.17 -1.29 -1.48
N CYS A 22 2.98 -2.62 -1.37
CA CYS A 22 2.15 -3.21 -0.33
C CYS A 22 3.01 -4.06 0.60
N ASP A 23 3.16 -3.61 1.84
CA ASP A 23 3.96 -4.32 2.86
C ASP A 23 3.18 -5.51 3.43
N SER A 24 3.74 -6.71 3.25
CA SER A 24 3.12 -7.96 3.71
C SER A 24 3.41 -8.27 5.18
N TYR A 25 4.63 -7.95 5.65
CA TYR A 25 5.03 -8.20 7.05
C TYR A 25 4.23 -7.33 8.02
N THR A 26 3.98 -6.08 7.62
CA THR A 26 3.22 -5.13 8.43
C THR A 26 1.76 -5.07 8.00
N LYS A 27 1.45 -5.69 6.82
CA LYS A 27 0.08 -5.74 6.24
C LYS A 27 -0.49 -4.33 6.02
N THR A 28 0.36 -3.44 5.48
CA THR A 28 -0.03 -2.05 5.23
C THR A 28 0.66 -1.51 3.96
N CYS A 29 0.09 -0.42 3.41
CA CYS A 29 0.62 0.22 2.21
C CYS A 29 1.68 1.26 2.56
N LYS A 30 2.82 1.21 1.88
CA LYS A 30 3.93 2.14 2.12
C LYS A 30 4.55 2.62 0.80
N ASP A 31 5.50 3.57 0.91
CA ASP A 31 6.19 4.12 -0.26
C ASP A 31 7.42 3.28 -0.62
N LYS A 32 7.78 3.27 -1.90
CA LYS A 32 8.93 2.51 -2.39
C LYS A 32 10.20 3.38 -2.42
N SER A 33 10.05 4.63 -2.88
CA SER A 33 11.16 5.58 -2.95
C SER A 33 11.14 6.54 -1.77
N SER A 34 12.34 6.89 -1.29
CA SER A 34 12.48 7.81 -0.14
C SER A 34 12.81 9.23 -0.62
N ALA A 35 13.72 9.33 -1.60
CA ALA A 35 14.13 10.62 -2.16
C ALA A 35 13.42 10.91 -3.47
N GLY A 1 -8.32 2.63 -10.61
CA GLY A 1 -9.26 2.36 -9.49
C GLY A 1 -9.10 3.34 -8.34
N TRP A 2 -9.26 2.84 -7.12
CA TRP A 2 -9.13 3.68 -5.92
C TRP A 2 -7.72 3.56 -5.32
N CYS A 3 -7.28 4.65 -4.69
CA CYS A 3 -5.96 4.70 -4.07
C CYS A 3 -6.06 5.20 -2.62
N GLY A 4 -5.26 4.59 -1.74
CA GLY A 4 -5.24 4.94 -0.34
C GLY A 4 -4.06 5.83 0.03
N ASP A 5 -4.09 6.35 1.26
CA ASP A 5 -3.03 7.23 1.75
C ASP A 5 -1.94 6.41 2.49
N HYP A 6 -0.68 6.94 2.63
CA HYP A 6 0.41 6.20 3.33
C HYP A 6 0.04 5.83 4.77
O HYP A 6 -0.27 6.70 5.59
CB HYP A 6 1.60 7.17 3.32
CG HYP A 6 1.29 8.15 2.21
CD HYP A 6 -0.20 8.26 2.14
OD1 HYP A 6 1.73 7.67 0.95
HA HYP A 6 0.67 5.29 2.79
HB2 HYP A 6 1.68 7.67 4.27
HB3 HYP A 6 2.51 6.65 3.09
HG HYP A 6 1.75 9.12 2.44
HD22 HYP A 6 -0.51 8.42 1.11
HD23 HYP A 6 -0.54 9.06 2.77
HD1 HYP A 6 1.00 7.27 0.48
N GLY A 7 0.09 4.52 5.06
CA GLY A 7 -0.26 4.02 6.38
C GLY A 7 -1.56 3.23 6.38
N ALA A 8 -2.05 2.89 5.18
CA ALA A 8 -3.29 2.13 5.02
C ALA A 8 -3.01 0.63 4.99
N THR A 9 -4.01 -0.16 5.39
CA THR A 9 -3.89 -1.63 5.43
C THR A 9 -4.10 -2.22 4.03
N CYS A 10 -3.21 -3.16 3.66
CA CYS A 10 -3.28 -3.81 2.35
C CYS A 10 -3.82 -5.24 2.48
N GLY A 11 -4.58 -5.66 1.46
CA GLY A 11 -5.16 -7.00 1.45
C GLY A 11 -5.54 -7.46 0.06
N LYS A 12 -6.55 -8.34 -0.01
CA LYS A 12 -7.03 -8.87 -1.29
C LYS A 12 -8.35 -8.21 -1.71
N LEU A 13 -9.25 -8.00 -0.73
CA LEU A 13 -10.55 -7.37 -0.99
C LEU A 13 -10.49 -5.85 -0.76
N ARG A 14 -9.27 -5.34 -0.52
CA ARG A 14 -9.04 -3.91 -0.29
C ARG A 14 -8.69 -3.19 -1.59
N LEU A 15 -8.64 -1.85 -1.53
CA LEU A 15 -8.31 -1.01 -2.70
C LEU A 15 -6.81 -1.06 -3.05
N TYR A 16 -6.46 -0.49 -4.22
CA TYR A 16 -5.07 -0.46 -4.68
C TYR A 16 -4.35 0.81 -4.21
N CYS A 17 -3.03 0.72 -4.07
CA CYS A 17 -2.21 1.84 -3.62
C CYS A 17 -1.44 2.46 -4.79
N CYS A 18 -1.37 3.80 -4.78
CA CYS A 18 -0.67 4.59 -5.84
C CYS A 18 0.77 4.13 -6.08
N SER A 19 1.44 3.65 -5.02
CA SER A 19 2.84 3.20 -5.12
C SER A 19 2.93 1.74 -5.58
N GLY A 20 1.90 0.94 -5.26
CA GLY A 20 1.86 -0.46 -5.66
C GLY A 20 2.76 -1.36 -4.82
N PHE A 21 3.05 -0.95 -3.58
CA PHE A 21 3.90 -1.73 -2.68
C PHE A 21 3.21 -1.94 -1.33
N CYS A 22 3.01 -3.21 -0.98
CA CYS A 22 2.39 -3.59 0.28
C CYS A 22 3.39 -4.33 1.16
N ASP A 23 3.64 -3.77 2.34
CA ASP A 23 4.58 -4.36 3.31
C ASP A 23 3.85 -5.37 4.21
N SER A 24 4.37 -6.61 4.21
CA SER A 24 3.79 -7.70 5.01
C SER A 24 4.29 -7.69 6.46
N TYR A 25 5.26 -6.81 6.76
CA TYR A 25 5.81 -6.68 8.12
C TYR A 25 4.82 -5.97 9.06
N THR A 26 3.92 -5.18 8.47
CA THR A 26 2.90 -4.45 9.21
C THR A 26 1.55 -4.47 8.48
N LYS A 27 1.52 -5.16 7.31
CA LYS A 27 0.30 -5.28 6.46
C LYS A 27 -0.21 -3.89 6.03
N THR A 28 0.71 -3.02 5.62
CA THR A 28 0.38 -1.66 5.20
C THR A 28 1.14 -1.26 3.93
N CYS A 29 0.61 -0.23 3.25
CA CYS A 29 1.19 0.27 2.00
C CYS A 29 2.35 1.22 2.28
N LYS A 30 3.47 0.98 1.58
CA LYS A 30 4.67 1.80 1.73
C LYS A 30 5.24 2.18 0.36
N ASP A 31 6.12 3.19 0.35
CA ASP A 31 6.76 3.66 -0.88
C ASP A 31 8.05 2.89 -1.17
N LYS A 32 8.14 2.30 -2.37
CA LYS A 32 9.30 1.52 -2.78
C LYS A 32 10.25 2.38 -3.61
N SER A 33 11.56 2.13 -3.43
CA SER A 33 12.59 2.86 -4.16
C SER A 33 13.56 1.90 -4.83
N SER A 34 14.04 2.29 -6.03
CA SER A 34 14.98 1.48 -6.80
C SER A 34 16.24 2.27 -7.14
N ALA A 35 17.40 1.63 -6.95
CA ALA A 35 18.69 2.26 -7.23
C ALA A 35 19.52 1.40 -8.19
N GLY A 1 -12.30 5.31 -10.32
CA GLY A 1 -11.67 4.47 -9.26
C GLY A 1 -10.95 5.30 -8.22
N TRP A 2 -10.89 4.78 -6.99
CA TRP A 2 -10.22 5.46 -5.88
C TRP A 2 -8.78 4.96 -5.71
N CYS A 3 -7.93 5.82 -5.14
CA CYS A 3 -6.54 5.47 -4.89
C CYS A 3 -6.24 5.45 -3.39
N GLY A 4 -5.40 4.50 -2.98
CA GLY A 4 -5.04 4.36 -1.57
C GLY A 4 -3.86 5.23 -1.16
N ASP A 5 -4.01 5.94 -0.04
CA ASP A 5 -2.98 6.83 0.48
C ASP A 5 -2.00 6.08 1.39
N HYP A 6 -0.75 6.61 1.63
CA HYP A 6 0.25 5.93 2.50
C HYP A 6 -0.25 5.74 3.94
O HYP A 6 -0.72 6.70 4.58
CB HYP A 6 1.47 6.87 2.48
CG HYP A 6 1.27 7.74 1.28
CD HYP A 6 -0.20 7.87 1.06
OD1 HYP A 6 1.81 7.13 0.10
HA HYP A 6 0.54 4.97 2.10
HB2 HYP A 6 1.49 7.46 3.39
HB3 HYP A 6 2.37 6.30 2.38
HG HYP A 6 1.75 8.72 1.45
HD22 HYP A 6 -0.42 7.95 0.02
HD23 HYP A 6 -0.58 8.74 1.60
HD1 HYP A 6 2.41 7.75 -0.33
N GLY A 7 -0.16 4.50 4.42
CA GLY A 7 -0.61 4.17 5.77
C GLY A 7 -1.83 3.26 5.78
N ALA A 8 -2.15 2.68 4.60
CA ALA A 8 -3.29 1.78 4.45
C ALA A 8 -2.89 0.33 4.72
N THR A 9 -3.86 -0.47 5.16
CA THR A 9 -3.63 -1.89 5.49
C THR A 9 -3.84 -2.78 4.24
N CYS A 10 -2.96 -3.79 4.11
CA CYS A 10 -3.03 -4.72 2.98
C CYS A 10 -3.53 -6.09 3.45
N GLY A 11 -4.24 -6.78 2.55
CA GLY A 11 -4.77 -8.10 2.86
C GLY A 11 -5.88 -8.52 1.92
N LYS A 12 -6.97 -7.74 1.92
CA LYS A 12 -8.12 -8.01 1.06
C LYS A 12 -8.07 -7.16 -0.21
N LEU A 13 -8.69 -7.66 -1.28
CA LEU A 13 -8.72 -6.95 -2.56
C LEU A 13 -9.98 -6.10 -2.69
N ARG A 14 -9.81 -4.79 -2.43
CA ARG A 14 -10.92 -3.82 -2.51
C ARG A 14 -10.41 -2.48 -3.05
N LEU A 15 -9.29 -2.01 -2.50
CA LEU A 15 -8.67 -0.74 -2.91
C LEU A 15 -7.15 -0.92 -3.05
N TYR A 16 -6.60 -0.34 -4.12
CA TYR A 16 -5.16 -0.41 -4.40
C TYR A 16 -4.45 0.83 -3.86
N CYS A 17 -3.16 0.68 -3.56
CA CYS A 17 -2.34 1.77 -3.02
C CYS A 17 -1.67 2.56 -4.14
N CYS A 18 -1.64 3.89 -3.99
CA CYS A 18 -1.04 4.81 -4.98
C CYS A 18 0.43 4.49 -5.29
N SER A 19 1.12 3.86 -4.32
CA SER A 19 2.54 3.50 -4.50
C SER A 19 2.69 2.09 -5.07
N GLY A 20 1.72 1.21 -4.79
CA GLY A 20 1.73 -0.15 -5.29
C GLY A 20 2.71 -1.07 -4.56
N PHE A 21 2.89 -0.84 -3.26
CA PHE A 21 3.80 -1.65 -2.43
C PHE A 21 3.17 -1.97 -1.07
N CYS A 22 3.04 -3.27 -0.81
CA CYS A 22 2.48 -3.76 0.45
C CYS A 22 3.54 -4.50 1.26
N ASP A 23 3.84 -3.97 2.45
CA ASP A 23 4.84 -4.57 3.34
C ASP A 23 4.17 -5.58 4.28
N SER A 24 4.69 -6.82 4.27
CA SER A 24 4.16 -7.91 5.09
C SER A 24 4.72 -7.90 6.52
N TYR A 25 5.69 -7.00 6.78
CA TYR A 25 6.29 -6.87 8.11
C TYR A 25 5.34 -6.18 9.09
N THR A 26 4.42 -5.38 8.55
CA THR A 26 3.42 -4.65 9.34
C THR A 26 2.04 -4.67 8.66
N LYS A 27 1.96 -5.37 7.49
CA LYS A 27 0.72 -5.49 6.69
C LYS A 27 0.18 -4.10 6.29
N THR A 28 1.08 -3.25 5.80
CA THR A 28 0.72 -1.88 5.39
C THR A 28 1.48 -1.47 4.13
N CYS A 29 0.93 -0.48 3.42
CA CYS A 29 1.53 0.05 2.18
C CYS A 29 2.66 1.03 2.48
N LYS A 30 3.78 0.83 1.78
CA LYS A 30 4.97 1.67 1.96
C LYS A 30 5.52 2.13 0.60
N ASP A 31 6.42 3.12 0.63
CA ASP A 31 7.06 3.65 -0.58
C ASP A 31 8.33 2.87 -0.91
N LYS A 32 8.54 2.62 -2.21
CA LYS A 32 9.72 1.88 -2.67
C LYS A 32 10.88 2.83 -2.98
N SER A 33 12.11 2.33 -2.81
CA SER A 33 13.32 3.12 -3.07
C SER A 33 13.91 2.76 -4.43
N SER A 34 13.94 1.46 -4.76
CA SER A 34 14.49 0.99 -6.03
C SER A 34 13.40 0.32 -6.87
N ALA A 35 13.49 0.50 -8.19
CA ALA A 35 12.52 -0.07 -9.13
C ALA A 35 13.18 -1.11 -10.04
N GLY A 1 -12.97 2.89 -8.00
CA GLY A 1 -11.56 3.11 -8.42
C GLY A 1 -10.84 4.12 -7.53
N TRP A 2 -10.68 3.76 -6.26
CA TRP A 2 -10.01 4.62 -5.28
C TRP A 2 -8.54 4.24 -5.13
N CYS A 3 -7.71 5.23 -4.78
CA CYS A 3 -6.27 5.02 -4.59
C CYS A 3 -5.93 5.13 -3.11
N GLY A 4 -5.13 4.18 -2.63
CA GLY A 4 -4.73 4.17 -1.22
C GLY A 4 -3.44 4.93 -0.97
N ASP A 5 -3.43 5.70 0.12
CA ASP A 5 -2.26 6.51 0.50
C ASP A 5 -1.35 5.74 1.48
N HYP A 6 -0.02 6.08 1.53
CA HYP A 6 0.95 5.40 2.44
C HYP A 6 0.51 5.43 3.92
O HYP A 6 0.10 6.47 4.43
CB HYP A 6 2.26 6.19 2.26
CG HYP A 6 1.88 7.43 1.51
CD HYP A 6 0.66 7.11 0.71
OD1 HYP A 6 2.89 7.82 0.59
HA HYP A 6 1.11 4.38 2.14
HB2 HYP A 6 2.67 6.43 3.23
HB3 HYP A 6 2.96 5.62 1.69
HG HYP A 6 1.68 8.25 2.22
HD22 HYP A 6 0.95 6.70 -0.25
HD23 HYP A 6 0.04 7.99 0.59
HD1 HYP A 6 2.95 7.16 -0.10
N GLY A 7 0.60 4.26 4.56
CA GLY A 7 0.20 4.14 5.96
C GLY A 7 -1.15 3.47 6.13
N ALA A 8 -1.69 2.96 5.01
CA ALA A 8 -2.99 2.28 5.01
C ALA A 8 -2.82 0.77 5.03
N THR A 9 -3.82 0.07 5.57
CA THR A 9 -3.80 -1.41 5.67
C THR A 9 -4.09 -2.05 4.31
N CYS A 10 -3.13 -2.86 3.85
CA CYS A 10 -3.24 -3.56 2.56
C CYS A 10 -3.73 -4.99 2.74
N GLY A 11 -4.79 -5.34 2.02
CA GLY A 11 -5.36 -6.68 2.09
C GLY A 11 -5.06 -7.50 0.86
N LYS A 12 -6.13 -7.99 0.21
CA LYS A 12 -5.99 -8.79 -1.00
C LYS A 12 -6.88 -8.24 -2.14
N LEU A 13 -8.18 -8.07 -1.83
CA LEU A 13 -9.14 -7.55 -2.81
C LEU A 13 -10.15 -6.61 -2.13
N ARG A 14 -9.72 -5.38 -1.84
CA ARG A 14 -10.55 -4.37 -1.21
C ARG A 14 -10.23 -2.97 -1.75
N LEU A 15 -8.96 -2.56 -1.59
CA LEU A 15 -8.47 -1.26 -2.07
C LEU A 15 -6.99 -1.34 -2.45
N TYR A 16 -6.65 -0.73 -3.59
CA TYR A 16 -5.28 -0.72 -4.09
C TYR A 16 -4.60 0.60 -3.71
N CYS A 17 -3.31 0.53 -3.40
CA CYS A 17 -2.52 1.70 -3.03
C CYS A 17 -1.85 2.34 -4.24
N CYS A 18 -1.85 3.68 -4.28
CA CYS A 18 -1.26 4.45 -5.38
C CYS A 18 0.25 4.21 -5.54
N SER A 19 0.89 3.70 -4.49
CA SER A 19 2.34 3.43 -4.51
C SER A 19 2.64 2.02 -5.05
N GLY A 20 1.69 1.09 -4.86
CA GLY A 20 1.85 -0.28 -5.33
C GLY A 20 2.62 -1.18 -4.37
N PHE A 21 3.24 -0.58 -3.35
CA PHE A 21 4.03 -1.33 -2.36
C PHE A 21 3.19 -1.65 -1.11
N CYS A 22 2.99 -2.96 -0.88
CA CYS A 22 2.25 -3.45 0.28
C CYS A 22 3.18 -4.24 1.20
N ASP A 23 3.45 -3.68 2.40
CA ASP A 23 4.31 -4.33 3.39
C ASP A 23 3.54 -5.37 4.20
N SER A 24 4.00 -6.62 4.13
CA SER A 24 3.37 -7.75 4.84
C SER A 24 3.87 -7.88 6.28
N TYR A 25 4.90 -7.10 6.63
CA TYR A 25 5.47 -7.12 7.98
C TYR A 25 4.58 -6.35 8.99
N THR A 26 3.77 -5.44 8.44
CA THR A 26 2.86 -4.61 9.25
C THR A 26 1.49 -4.48 8.57
N LYS A 27 1.33 -5.13 7.39
CA LYS A 27 0.07 -5.11 6.61
C LYS A 27 -0.32 -3.66 6.21
N THR A 28 0.69 -2.88 5.81
CA THR A 28 0.48 -1.48 5.43
C THR A 28 1.28 -1.13 4.17
N CYS A 29 0.78 -0.12 3.45
CA CYS A 29 1.42 0.35 2.21
C CYS A 29 2.53 1.36 2.50
N LYS A 30 3.65 1.21 1.77
CA LYS A 30 4.81 2.09 1.95
C LYS A 30 5.41 2.48 0.58
N ASP A 31 6.45 3.32 0.61
CA ASP A 31 7.12 3.78 -0.62
C ASP A 31 8.24 2.81 -1.00
N LYS A 32 8.43 2.63 -2.31
CA LYS A 32 9.46 1.72 -2.84
C LYS A 32 10.80 2.45 -3.04
N SER A 33 10.73 3.70 -3.54
CA SER A 33 11.92 4.51 -3.78
C SER A 33 12.17 5.48 -2.62
N SER A 34 13.41 5.48 -2.13
CA SER A 34 13.80 6.34 -1.01
C SER A 34 15.04 7.15 -1.37
N ALA A 35 15.13 8.37 -0.84
CA ALA A 35 16.26 9.26 -1.10
C ALA A 35 17.23 9.26 0.09
N GLY A 1 -9.99 3.21 -10.96
CA GLY A 1 -10.80 3.45 -9.74
C GLY A 1 -10.08 4.34 -8.74
N TRP A 2 -10.45 4.18 -7.46
CA TRP A 2 -9.84 4.96 -6.37
C TRP A 2 -8.72 4.18 -5.70
N CYS A 3 -7.64 4.89 -5.34
CA CYS A 3 -6.49 4.29 -4.67
C CYS A 3 -6.28 4.90 -3.29
N GLY A 4 -5.70 4.11 -2.38
CA GLY A 4 -5.45 4.57 -1.02
C GLY A 4 -4.12 5.31 -0.88
N ASP A 5 -4.02 6.11 0.19
CA ASP A 5 -2.81 6.90 0.48
C ASP A 5 -1.80 6.06 1.30
N HYP A 6 -0.47 6.45 1.32
CA HYP A 6 0.57 5.72 2.08
C HYP A 6 0.20 5.52 3.56
O HYP A 6 -0.09 6.49 4.27
CB HYP A 6 1.81 6.59 1.95
CG HYP A 6 1.59 7.40 0.70
CD HYP A 6 0.13 7.62 0.59
OD1 HYP A 6 2.01 6.68 -0.45
HA HYP A 6 0.76 4.75 1.64
HB2 HYP A 6 1.90 7.23 2.83
HB3 HYP A 6 2.69 5.98 1.85
HG HYP A 6 2.14 8.35 0.78
HD22 HYP A 6 -0.17 7.61 -0.44
HD23 HYP A 6 -0.14 8.55 1.06
HD1 HYP A 6 1.24 6.41 -0.96
N GLY A 7 0.21 4.25 3.99
CA GLY A 7 -0.14 3.90 5.36
C GLY A 7 -1.45 3.15 5.45
N ALA A 8 -1.95 2.69 4.30
CA ALA A 8 -3.21 1.95 4.21
C ALA A 8 -2.97 0.45 4.25
N THR A 9 -3.96 -0.31 4.73
CA THR A 9 -3.88 -1.78 4.84
C THR A 9 -4.01 -2.44 3.46
N CYS A 10 -3.01 -3.27 3.12
CA CYS A 10 -2.98 -3.97 1.84
C CYS A 10 -3.53 -5.39 1.99
N GLY A 11 -4.33 -5.82 1.00
CA GLY A 11 -4.91 -7.15 1.02
C GLY A 11 -5.68 -7.47 -0.25
N LYS A 12 -6.68 -8.34 -0.12
CA LYS A 12 -7.52 -8.74 -1.26
C LYS A 12 -8.88 -8.04 -1.23
N LEU A 13 -9.45 -7.92 -0.02
CA LEU A 13 -10.76 -7.27 0.17
C LEU A 13 -10.59 -5.79 0.53
N ARG A 14 -9.34 -5.34 0.64
CA ARG A 14 -9.02 -3.94 0.98
C ARG A 14 -8.87 -3.09 -0.29
N LEU A 15 -8.69 -1.77 -0.09
CA LEU A 15 -8.52 -0.82 -1.20
C LEU A 15 -7.16 -0.97 -1.86
N TYR A 16 -7.08 -0.64 -3.16
CA TYR A 16 -5.84 -0.73 -3.95
C TYR A 16 -4.85 0.37 -3.53
N CYS A 17 -3.56 0.07 -3.69
CA CYS A 17 -2.49 1.00 -3.34
C CYS A 17 -2.00 1.80 -4.54
N CYS A 18 -1.77 3.10 -4.32
CA CYS A 18 -1.28 4.00 -5.37
C CYS A 18 0.25 4.10 -5.36
N SER A 19 0.88 3.54 -4.31
CA SER A 19 2.34 3.56 -4.17
C SER A 19 2.99 2.34 -4.84
N GLY A 20 2.25 1.23 -4.90
CA GLY A 20 2.75 0.01 -5.53
C GLY A 20 3.38 -0.97 -4.55
N PHE A 21 4.15 -0.44 -3.59
CA PHE A 21 4.83 -1.28 -2.59
C PHE A 21 3.98 -1.46 -1.33
N CYS A 22 3.61 -2.72 -1.07
CA CYS A 22 2.83 -3.09 0.10
C CYS A 22 3.66 -3.97 1.03
N ASP A 23 3.86 -3.49 2.27
CA ASP A 23 4.64 -4.22 3.28
C ASP A 23 3.76 -5.25 3.99
N SER A 24 4.18 -6.52 3.91
CA SER A 24 3.46 -7.63 4.55
C SER A 24 3.84 -7.82 6.01
N TYR A 25 4.90 -7.11 6.45
CA TYR A 25 5.38 -7.18 7.84
C TYR A 25 4.45 -6.41 8.79
N THR A 26 3.66 -5.50 8.21
CA THR A 26 2.72 -4.68 8.96
C THR A 26 1.36 -4.58 8.23
N LYS A 27 1.27 -5.23 7.05
CA LYS A 27 0.06 -5.25 6.20
C LYS A 27 -0.37 -3.83 5.79
N THR A 28 0.62 -2.97 5.53
CA THR A 28 0.37 -1.58 5.14
C THR A 28 1.26 -1.15 3.97
N CYS A 29 0.87 -0.06 3.30
CA CYS A 29 1.62 0.47 2.16
C CYS A 29 2.78 1.36 2.60
N LYS A 30 3.92 1.16 1.94
CA LYS A 30 5.15 1.92 2.23
C LYS A 30 5.84 2.37 0.95
N ASP A 31 6.73 3.36 1.09
CA ASP A 31 7.48 3.89 -0.05
C ASP A 31 8.78 3.11 -0.27
N LYS A 32 8.99 2.64 -1.51
CA LYS A 32 10.18 1.88 -1.86
C LYS A 32 11.28 2.78 -2.44
N SER A 33 10.87 3.71 -3.32
CA SER A 33 11.81 4.65 -3.95
C SER A 33 11.68 6.04 -3.33
N SER A 34 12.83 6.71 -3.15
CA SER A 34 12.86 8.05 -2.57
C SER A 34 13.10 9.10 -3.65
N ALA A 35 12.42 10.24 -3.53
CA ALA A 35 12.54 11.33 -4.48
C ALA A 35 13.47 12.42 -3.94
#